data_8STC
#
_entry.id   8STC
#
_cell.length_a   120.380
_cell.length_b   120.380
_cell.length_c   213.159
_cell.angle_alpha   90.00
_cell.angle_beta   90.00
_cell.angle_gamma   90.00
#
_symmetry.space_group_name_H-M   'P 4 21 2'
#
loop_
_entity.id
_entity.type
_entity.pdbx_description
1 polymer 'Pyridinium-3,5-biscarboxylic acid mononucleotide synthase'
2 non-polymer 'ZINC ION'
3 non-polymer 'MAGNESIUM ION'
#
_entity_poly.entity_id   1
_entity_poly.type   'polypeptide(L)'
_entity_poly.pdbx_seq_one_letter_code
;MATTAEILQQVAAGQLSPTAAAQQLEAGKTAALGFANVDLDRQRRNGFPEVIYGAGKTATQIVGIVQALSQQTLPILTTR
LSAEKFAALQPALPTAVYHATAQCMTVGEQPAPKTPGYIAVVTAGTADQPVAEEAAVTAETFGNRVERVYDVGVAGIHRL
FAKLDVIRGARVVIVIAGMEGALASVVGGLVDKPVIAVPTSVGYGTSFQGMTALLTMLNSCASGITVVNIDNGFGAAYSA
SMVNQMASWSHPQFEK
;
_entity_poly.pdbx_strand_id   A,B,C,D,E,F
#
loop_
_chem_comp.id
_chem_comp.type
_chem_comp.name
_chem_comp.formula
MG non-polymer 'MAGNESIUM ION' 'Mg 2'
ZN non-polymer 'ZINC ION' 'Zn 2'
#
# COMPACT_ATOMS: atom_id res chain seq x y z
N ARG A 44 36.28 5.20 22.40
CA ARG A 44 37.65 4.71 22.50
C ARG A 44 38.06 4.00 21.20
N ARG A 45 39.23 4.38 20.69
CA ARG A 45 39.82 3.76 19.50
C ARG A 45 38.91 3.88 18.28
N ASN A 46 38.08 4.93 18.23
CA ASN A 46 37.23 5.21 17.08
C ASN A 46 37.84 6.27 16.17
N GLY A 47 39.16 6.40 16.18
CA GLY A 47 39.89 7.27 15.27
C GLY A 47 39.99 8.72 15.68
N PHE A 48 39.07 9.21 16.51
CA PHE A 48 38.98 10.63 16.78
C PHE A 48 40.07 11.06 17.76
N PRO A 49 40.86 12.08 17.41
CA PRO A 49 41.84 12.61 18.37
C PRO A 49 41.16 13.35 19.51
N GLU A 50 41.90 13.51 20.60
CA GLU A 50 41.39 14.23 21.76
C GLU A 50 41.44 15.73 21.49
N VAL A 51 40.40 16.43 21.95
CA VAL A 51 40.22 17.85 21.67
C VAL A 51 40.09 18.59 23.00
N ILE A 52 40.83 19.68 23.14
CA ILE A 52 40.78 20.53 24.33
C ILE A 52 40.30 21.92 23.91
N TYR A 53 39.30 22.43 24.60
CA TYR A 53 38.82 23.79 24.38
C TYR A 53 39.57 24.71 25.33
N GLY A 54 40.54 25.44 24.81
CA GLY A 54 41.40 26.27 25.62
C GLY A 54 40.93 27.69 25.82
N ALA A 55 39.70 28.02 25.44
CA ALA A 55 39.21 29.39 25.59
C ALA A 55 39.07 29.74 27.06
N GLY A 56 38.47 28.86 27.85
CA GLY A 56 38.25 29.13 29.26
C GLY A 56 39.27 28.46 30.17
N LYS A 57 40.01 27.50 29.63
CA LYS A 57 40.98 26.76 30.42
C LYS A 57 42.28 27.54 30.55
N THR A 58 42.91 27.42 31.72
CA THR A 58 44.15 28.14 31.98
C THR A 58 45.35 27.45 31.34
N ALA A 59 46.43 28.21 31.18
CA ALA A 59 47.63 27.68 30.55
C ALA A 59 48.24 26.55 31.36
N THR A 60 48.11 26.60 32.69
CA THR A 60 48.59 25.48 33.50
C THR A 60 47.63 24.30 33.39
N GLN A 61 46.32 24.56 33.44
CA GLN A 61 45.35 23.48 33.31
C GLN A 61 45.53 22.73 32.00
N ILE A 62 45.86 23.45 30.93
CA ILE A 62 46.08 22.81 29.64
C ILE A 62 47.26 21.84 29.72
N VAL A 63 48.36 22.27 30.34
CA VAL A 63 49.50 21.37 30.49
C VAL A 63 49.10 20.12 31.26
N GLY A 64 48.26 20.28 32.29
CA GLY A 64 47.82 19.12 33.04
C GLY A 64 46.99 18.17 32.21
N ILE A 65 46.10 18.71 31.37
CA ILE A 65 45.29 17.85 30.53
C ILE A 65 46.18 17.19 29.47
N VAL A 66 47.11 17.95 28.89
CA VAL A 66 47.96 17.40 27.84
C VAL A 66 48.93 16.39 28.42
N GLN A 67 49.56 16.71 29.56
CA GLN A 67 50.54 15.80 30.14
C GLN A 67 49.87 14.49 30.58
N ALA A 68 48.61 14.56 31.02
CA ALA A 68 47.90 13.34 31.41
C ALA A 68 47.52 12.51 30.21
N LEU A 69 47.18 13.15 29.09
CA LEU A 69 46.77 12.42 27.90
C LEU A 69 47.92 11.99 27.01
N SER A 70 49.18 12.27 27.40
CA SER A 70 50.30 11.80 26.60
C SER A 70 50.67 10.37 26.97
N GLN A 71 49.71 9.62 27.52
CA GLN A 71 49.90 8.20 27.76
C GLN A 71 49.27 7.31 26.70
N THR A 73 46.64 8.68 23.63
CA THR A 73 46.20 9.18 22.34
C THR A 73 47.38 9.59 21.45
N LEU A 74 47.11 9.62 20.14
CA LEU A 74 48.15 9.92 19.17
C LEU A 74 48.27 11.44 19.01
N PRO A 75 47.35 12.15 18.28
CA PRO A 75 47.46 13.63 18.28
C PRO A 75 46.50 14.28 19.27
N ILE A 76 46.79 15.52 19.70
CA ILE A 76 45.92 16.26 20.61
C ILE A 76 45.76 17.68 20.06
N LEU A 77 44.52 18.10 19.88
CA LEU A 77 44.21 19.41 19.31
C LEU A 77 43.62 20.30 20.41
N THR A 78 44.03 21.56 20.41
CA THR A 78 43.55 22.54 21.37
C THR A 78 43.08 23.77 20.60
N THR A 79 41.85 24.20 20.85
CA THR A 79 41.24 25.26 20.07
C THR A 79 41.14 26.53 20.90
N ARG A 80 40.98 27.65 20.20
CA ARG A 80 40.84 28.97 20.81
C ARG A 80 41.95 29.23 21.83
N LEU A 81 43.19 28.99 21.42
CA LEU A 81 44.35 29.14 22.29
C LEU A 81 45.05 30.45 21.95
N SER A 82 44.97 31.42 22.86
CA SER A 82 45.54 32.74 22.60
C SER A 82 47.04 32.65 22.41
N ALA A 83 47.59 33.66 21.72
CA ALA A 83 49.02 33.67 21.44
C ALA A 83 49.82 33.81 22.73
N GLU A 84 49.34 34.61 23.67
CA GLU A 84 50.01 34.74 24.96
C GLU A 84 50.00 33.42 25.72
N LYS A 85 48.86 32.72 25.72
CA LYS A 85 48.78 31.45 26.42
C LYS A 85 49.75 30.42 25.86
N PHE A 86 50.07 30.48 24.57
CA PHE A 86 51.03 29.53 24.02
C PHE A 86 52.43 29.85 24.46
N ALA A 87 52.76 31.15 24.60
CA ALA A 87 54.08 31.52 25.11
C ALA A 87 54.29 30.95 26.50
N ALA A 88 53.28 31.03 27.37
CA ALA A 88 53.37 30.48 28.71
C ALA A 88 53.44 28.96 28.70
N LEU A 89 53.10 28.33 27.58
CA LEU A 89 52.97 26.88 27.46
C LEU A 89 54.17 26.20 26.82
N GLN A 90 54.89 26.89 25.95
CA GLN A 90 55.93 26.32 25.09
C GLN A 90 57.12 25.71 25.83
N PRO A 91 57.66 26.35 26.87
CA PRO A 91 58.71 25.69 27.66
C PRO A 91 58.29 24.35 28.26
N ALA A 92 57.00 24.13 28.50
CA ALA A 92 56.57 22.91 29.16
C ALA A 92 56.26 21.78 28.16
N LEU A 93 55.66 22.11 27.02
CA LEU A 93 55.34 21.14 25.98
C LEU A 93 56.22 21.41 24.76
N PRO A 94 57.43 20.87 24.72
CA PRO A 94 58.37 21.22 23.63
C PRO A 94 58.02 20.63 22.29
N THR A 95 57.16 19.61 22.22
CA THR A 95 56.81 18.96 20.97
C THR A 95 55.53 19.51 20.38
N ALA A 96 55.16 20.75 20.73
CA ALA A 96 53.90 21.35 20.31
C ALA A 96 54.11 22.38 19.21
N VAL A 97 53.12 22.48 18.33
CA VAL A 97 53.08 23.42 17.22
C VAL A 97 51.88 24.33 17.39
N TYR A 98 52.13 25.64 17.30
CA TYR A 98 51.07 26.63 17.37
C TYR A 98 50.77 27.13 15.96
N HIS A 99 49.47 27.26 15.66
CA HIS A 99 49.00 27.77 14.38
C HIS A 99 48.41 29.15 14.64
N ALA A 100 49.21 30.18 14.39
CA ALA A 100 48.91 31.54 14.82
C ALA A 100 47.53 32.01 14.37
N THR A 101 47.27 31.99 13.07
CA THR A 101 45.98 32.46 12.57
C THR A 101 44.82 31.64 13.10
N ALA A 102 44.99 30.31 13.16
CA ALA A 102 43.92 29.44 13.62
C ALA A 102 43.73 29.46 15.13
N GLN A 103 44.69 30.00 15.88
CA GLN A 103 44.67 29.96 17.34
C GLN A 103 44.49 28.54 17.85
N CYS A 104 45.17 27.60 17.20
CA CYS A 104 45.12 26.19 17.54
C CYS A 104 46.51 25.68 17.89
N MET A 105 46.56 24.59 18.64
CA MET A 105 47.81 23.99 19.09
C MET A 105 47.70 22.48 18.98
N THR A 106 48.67 21.87 18.31
CA THR A 106 48.73 20.43 18.15
C THR A 106 49.96 19.87 18.85
N VAL A 107 49.78 18.75 19.54
CA VAL A 107 50.91 17.98 20.07
C VAL A 107 50.81 16.59 19.47
N GLY A 108 51.93 16.08 18.97
CA GLY A 108 51.90 14.89 18.15
C GLY A 108 51.94 15.21 16.67
N GLU A 109 52.25 14.20 15.88
CA GLU A 109 52.44 14.40 14.44
C GLU A 109 51.10 14.25 13.72
N GLN A 110 50.86 15.14 12.76
N GLN A 110 50.86 15.15 12.77
CA GLN A 110 49.60 15.12 12.04
CA GLN A 110 49.64 15.13 11.99
C GLN A 110 49.56 13.90 11.12
C GLN A 110 49.59 13.86 11.13
N PRO A 111 48.47 13.14 11.12
CA PRO A 111 48.43 11.90 10.34
C PRO A 111 48.38 12.19 8.86
N ALA A 112 48.48 11.13 8.09
CA ALA A 112 48.34 11.30 6.66
C ALA A 112 46.90 11.01 6.29
N PRO A 113 46.41 11.59 5.20
CA PRO A 113 44.99 11.38 4.87
C PRO A 113 44.62 9.91 4.80
N LYS A 114 43.55 9.57 5.50
CA LYS A 114 43.03 8.21 5.55
C LYS A 114 42.16 7.91 4.34
N THR A 115 41.74 8.96 3.63
CA THR A 115 40.79 8.93 2.54
C THR A 115 41.40 9.62 1.33
N PRO A 116 41.08 9.16 0.11
CA PRO A 116 41.60 9.85 -1.08
C PRO A 116 41.04 11.26 -1.22
N GLY A 117 39.72 11.39 -1.34
CA GLY A 117 39.05 12.68 -1.44
C GLY A 117 39.50 13.75 -0.46
N TYR A 118 39.23 15.02 -0.78
CA TYR A 118 39.62 16.14 0.06
C TYR A 118 38.41 16.96 0.48
N ILE A 119 38.63 17.80 1.49
CA ILE A 119 37.65 18.79 1.96
C ILE A 119 38.08 20.16 1.47
N ALA A 120 37.12 20.93 0.96
CA ALA A 120 37.38 22.28 0.50
C ALA A 120 36.90 23.27 1.54
N VAL A 121 37.75 24.23 1.89
CA VAL A 121 37.41 25.28 2.85
C VAL A 121 37.31 26.58 2.07
N VAL A 122 36.09 27.08 1.91
CA VAL A 122 35.81 28.21 1.04
C VAL A 122 35.47 29.40 1.92
N THR A 123 36.10 30.54 1.65
CA THR A 123 35.96 31.70 2.51
C THR A 123 35.61 32.93 1.68
N ALA A 124 34.84 33.84 2.29
CA ALA A 124 34.33 35.00 1.58
C ALA A 124 35.33 36.15 1.56
N GLY A 125 36.04 36.37 2.66
CA GLY A 125 36.94 37.50 2.73
C GLY A 125 38.19 37.16 3.53
N THR A 126 39.12 38.11 3.53
CA THR A 126 40.37 37.93 4.27
C THR A 126 40.13 37.93 5.77
N ALA A 127 39.12 38.66 6.24
CA ALA A 127 38.79 38.65 7.65
C ALA A 127 38.40 37.25 8.11
N ASP A 128 37.46 36.63 7.41
CA ASP A 128 37.08 35.22 7.64
C ASP A 128 38.23 34.20 7.75
N GLN A 129 39.49 34.60 7.57
CA GLN A 129 40.56 33.60 7.54
C GLN A 129 40.87 32.91 8.87
N PRO A 130 40.90 33.60 10.02
CA PRO A 130 41.15 32.89 11.29
C PRO A 130 40.25 31.69 11.53
N VAL A 131 38.93 31.85 11.45
CA VAL A 131 38.07 30.71 11.68
C VAL A 131 38.22 29.69 10.56
N ALA A 132 38.53 30.15 9.34
CA ALA A 132 38.80 29.22 8.26
C ALA A 132 40.00 28.34 8.59
N GLU A 133 41.07 28.93 9.11
CA GLU A 133 42.24 28.14 9.46
C GLU A 133 41.97 27.25 10.65
N GLU A 134 41.12 27.69 11.59
CA GLU A 134 40.70 26.81 12.67
C GLU A 134 40.01 25.57 12.13
N ALA A 135 39.13 25.73 11.13
CA ALA A 135 38.50 24.56 10.52
C ALA A 135 39.52 23.74 9.74
N ALA A 136 40.39 24.40 8.98
CA ALA A 136 41.34 23.68 8.14
C ALA A 136 42.36 22.93 8.97
N VAL A 137 42.80 23.50 10.09
CA VAL A 137 43.76 22.79 10.93
C VAL A 137 43.10 21.61 11.61
N THR A 138 41.84 21.76 12.05
CA THR A 138 41.11 20.64 12.62
C THR A 138 40.93 19.51 11.60
N ALA A 139 40.57 19.88 10.36
CA ALA A 139 40.32 18.87 9.35
C ALA A 139 41.59 18.11 9.01
N GLU A 140 42.72 18.82 8.96
CA GLU A 140 44.00 18.16 8.67
C GLU A 140 44.42 17.27 9.83
N THR A 141 44.17 17.73 11.06
CA THR A 141 44.47 16.94 12.24
C THR A 141 43.63 15.67 12.32
N PHE A 142 42.40 15.73 11.81
CA PHE A 142 41.55 14.56 11.82
C PHE A 142 41.83 13.62 10.64
N GLY A 143 42.84 13.91 9.83
CA GLY A 143 43.24 12.99 8.79
C GLY A 143 42.61 13.22 7.44
N ASN A 144 42.24 14.45 7.11
CA ASN A 144 41.63 14.78 5.84
C ASN A 144 42.51 15.72 5.05
N ARG A 145 42.59 15.49 3.73
N ARG A 145 42.59 15.48 3.74
CA ARG A 145 43.20 16.47 2.84
CA ARG A 145 43.18 16.47 2.83
C ARG A 145 42.29 17.70 2.75
C ARG A 145 42.29 17.70 2.77
N VAL A 146 42.89 18.88 2.87
CA VAL A 146 42.16 20.14 2.87
C VAL A 146 42.61 20.97 1.68
N GLU A 147 41.64 21.51 0.94
CA GLU A 147 41.92 22.46 -0.13
C GLU A 147 41.37 23.82 0.27
N ARG A 148 42.24 24.82 0.36
CA ARG A 148 41.85 26.16 0.77
C ARG A 148 41.47 26.98 -0.45
N VAL A 149 40.26 27.53 -0.45
CA VAL A 149 39.77 28.39 -1.52
C VAL A 149 39.37 29.70 -0.83
N TYR A 150 40.31 30.62 -0.71
CA TYR A 150 40.11 31.80 0.11
C TYR A 150 39.79 33.05 -0.71
N ASP A 151 39.02 33.94 -0.09
CA ASP A 151 38.76 35.29 -0.59
C ASP A 151 38.05 35.26 -1.94
N VAL A 152 36.84 34.69 -1.93
CA VAL A 152 36.04 34.59 -3.15
C VAL A 152 34.62 35.06 -2.91
N GLY A 153 34.44 36.05 -2.02
CA GLY A 153 33.12 36.54 -1.71
C GLY A 153 32.44 37.18 -2.92
N VAL A 154 31.12 37.35 -2.80
CA VAL A 154 30.30 37.73 -3.95
C VAL A 154 30.42 39.19 -4.32
N ALA A 155 31.18 40.00 -3.57
CA ALA A 155 31.48 41.34 -4.04
C ALA A 155 32.30 41.29 -5.33
N GLY A 156 33.13 40.25 -5.48
CA GLY A 156 33.69 39.90 -6.77
C GLY A 156 33.54 38.40 -6.96
N ILE A 157 32.58 38.00 -7.79
CA ILE A 157 32.13 36.61 -7.84
C ILE A 157 32.83 35.83 -8.95
N HIS A 158 33.47 36.52 -9.90
CA HIS A 158 34.30 35.84 -10.89
C HIS A 158 35.39 35.02 -10.21
N ARG A 159 35.88 35.49 -9.06
CA ARG A 159 36.91 34.76 -8.33
C ARG A 159 36.42 33.38 -7.92
N LEU A 160 35.15 33.28 -7.55
CA LEU A 160 34.61 31.99 -7.15
C LEU A 160 34.47 31.05 -8.33
N PHE A 161 34.08 31.57 -9.49
CA PHE A 161 33.95 30.72 -10.66
C PHE A 161 35.32 30.24 -11.14
N ALA A 162 36.37 31.04 -10.92
CA ALA A 162 37.72 30.61 -11.28
C ALA A 162 38.09 29.34 -10.53
N LYS A 163 37.66 29.22 -9.27
CA LYS A 163 37.98 28.07 -8.44
C LYS A 163 36.80 27.12 -8.31
N LEU A 164 35.89 27.11 -9.28
CA LEU A 164 34.70 26.29 -9.15
C LEU A 164 35.01 24.80 -9.31
N ASP A 165 35.95 24.46 -10.19
CA ASP A 165 36.26 23.05 -10.39
C ASP A 165 36.84 22.45 -9.12
N VAL A 166 37.69 23.20 -8.41
CA VAL A 166 38.26 22.70 -7.17
C VAL A 166 37.16 22.44 -6.15
N ILE A 167 36.17 23.32 -6.06
CA ILE A 167 35.13 23.14 -5.05
C ILE A 167 34.24 21.97 -5.41
N ARG A 168 33.87 21.84 -6.69
CA ARG A 168 32.99 20.74 -7.07
C ARG A 168 33.69 19.39 -6.89
N GLY A 169 35.01 19.37 -6.98
CA GLY A 169 35.77 18.14 -6.80
C GLY A 169 35.92 17.67 -5.38
N ALA A 170 35.50 18.49 -4.42
CA ALA A 170 35.57 18.10 -3.02
C ALA A 170 34.47 17.08 -2.70
N ARG A 171 34.64 16.38 -1.59
CA ARG A 171 33.59 15.52 -1.06
C ARG A 171 32.71 16.25 -0.08
N VAL A 172 33.27 17.23 0.62
CA VAL A 172 32.54 18.11 1.53
C VAL A 172 33.08 19.51 1.31
N VAL A 173 32.20 20.49 1.44
CA VAL A 173 32.57 21.89 1.29
C VAL A 173 32.22 22.61 2.57
N ILE A 174 33.19 23.31 3.14
CA ILE A 174 32.95 24.19 4.29
C ILE A 174 33.01 25.62 3.77
N VAL A 175 31.94 26.37 3.98
CA VAL A 175 31.82 27.75 3.53
C VAL A 175 31.87 28.64 4.76
N ILE A 176 32.73 29.64 4.72
CA ILE A 176 32.98 30.50 5.86
C ILE A 176 32.75 31.94 5.41
N ALA A 177 31.85 32.64 6.08
CA ALA A 177 31.50 33.99 5.62
C ALA A 177 30.95 34.80 6.78
N GLY A 178 31.14 36.11 6.68
CA GLY A 178 30.57 37.02 7.65
C GLY A 178 29.67 38.04 6.97
N MET A 179 29.44 39.16 7.64
CA MET A 179 28.59 40.22 7.14
C MET A 179 27.28 39.57 6.68
N GLU A 180 26.98 39.62 5.39
CA GLU A 180 25.75 39.02 4.89
C GLU A 180 25.73 37.54 4.57
N GLY A 181 26.77 36.79 4.92
CA GLY A 181 26.84 35.36 4.65
C GLY A 181 26.29 34.85 3.33
N ALA A 182 26.19 35.69 2.31
CA ALA A 182 25.58 35.27 1.05
C ALA A 182 26.40 34.26 0.27
N LEU A 183 27.67 34.04 0.64
CA LEU A 183 28.49 33.10 -0.11
C LEU A 183 27.97 31.67 0.03
N ALA A 184 27.41 31.34 1.20
CA ALA A 184 26.90 29.99 1.43
C ALA A 184 25.78 29.65 0.46
N SER A 185 24.88 30.61 0.18
CA SER A 185 23.78 30.33 -0.73
C SER A 185 24.27 30.09 -2.15
N VAL A 186 25.24 30.88 -2.61
CA VAL A 186 25.73 30.71 -3.96
C VAL A 186 26.42 29.36 -4.12
N VAL A 187 27.25 28.98 -3.15
CA VAL A 187 27.94 27.68 -3.22
C VAL A 187 26.94 26.54 -3.14
N GLY A 188 25.98 26.62 -2.20
CA GLY A 188 25.03 25.53 -2.04
C GLY A 188 24.28 25.20 -3.31
N GLY A 189 23.98 26.22 -4.11
CA GLY A 189 23.30 26.00 -5.38
C GLY A 189 24.17 25.56 -6.52
N LEU A 190 25.50 25.61 -6.36
CA LEU A 190 26.41 25.28 -7.46
C LEU A 190 27.05 23.91 -7.35
N VAL A 191 27.04 23.30 -6.17
CA VAL A 191 27.65 22.00 -5.95
C VAL A 191 26.60 21.02 -5.48
N ASP A 192 26.83 19.74 -5.75
CA ASP A 192 25.93 18.68 -5.31
C ASP A 192 26.60 17.78 -4.28
N LYS A 193 27.32 18.39 -3.36
CA LYS A 193 27.95 17.71 -2.24
C LYS A 193 27.54 18.41 -0.97
N PRO A 194 27.59 17.73 0.17
CA PRO A 194 27.22 18.38 1.43
C PRO A 194 28.03 19.65 1.65
N VAL A 195 27.32 20.72 2.00
CA VAL A 195 27.93 21.99 2.35
C VAL A 195 27.61 22.28 3.80
N ILE A 196 28.64 22.56 4.59
CA ILE A 196 28.47 23.00 5.97
C ILE A 196 28.91 24.45 6.03
N ALA A 197 28.03 25.34 6.47
CA ALA A 197 28.27 26.77 6.44
C ALA A 197 28.60 27.27 7.84
N VAL A 198 29.64 28.10 7.94
CA VAL A 198 30.07 28.65 9.22
C VAL A 198 29.87 30.16 9.20
N PRO A 199 28.99 30.72 10.00
CA PRO A 199 28.93 32.17 10.10
C PRO A 199 30.01 32.67 11.03
N THR A 200 30.59 33.81 10.68
CA THR A 200 31.64 34.42 11.48
C THR A 200 31.14 35.73 12.08
N SER A 201 31.79 36.14 13.17
CA SER A 201 31.40 37.33 13.90
C SER A 201 32.19 38.55 13.48
N VAL A 202 32.74 38.56 12.26
CA VAL A 202 33.49 39.68 11.75
C VAL A 202 32.55 40.52 10.90
N GLY A 203 32.53 41.82 11.15
CA GLY A 203 31.55 42.69 10.56
C GLY A 203 31.28 43.86 11.50
N TYR A 204 30.50 44.81 11.00
CA TYR A 204 30.19 46.01 11.77
C TYR A 204 28.71 46.33 11.75
N GLY A 205 28.26 47.01 12.80
CA GLY A 205 26.90 47.48 12.94
C GLY A 205 25.89 46.36 13.07
N THR A 206 24.93 46.30 12.14
CA THR A 206 23.87 45.30 12.24
C THR A 206 24.34 43.89 11.94
N SER A 207 25.64 43.61 11.80
CA SER A 207 26.08 42.23 11.72
C SER A 207 25.66 41.45 12.96
N PHE A 208 25.46 42.14 14.09
CA PHE A 208 24.97 41.52 15.32
C PHE A 208 25.86 40.37 15.75
N GLN A 209 27.18 40.59 15.65
CA GLN A 209 28.18 39.60 16.07
C GLN A 209 27.97 38.29 15.33
N GLY A 210 27.62 38.37 14.06
CA GLY A 210 27.45 37.19 13.21
C GLY A 210 26.02 36.70 13.05
N MET A 211 25.04 37.30 13.74
CA MET A 211 23.67 36.82 13.64
C MET A 211 23.12 36.93 12.22
N THR A 212 23.36 38.05 11.55
CA THR A 212 22.83 38.24 10.20
C THR A 212 23.34 37.15 9.26
N ALA A 213 24.64 36.86 9.31
CA ALA A 213 25.19 35.79 8.47
C ALA A 213 24.60 34.44 8.84
N LEU A 214 24.42 34.19 10.15
CA LEU A 214 23.84 32.92 10.58
C LEU A 214 22.42 32.76 10.05
N LEU A 215 21.58 33.79 10.20
CA LEU A 215 20.22 33.72 9.70
C LEU A 215 20.20 33.61 8.18
N THR A 216 21.06 34.36 7.49
CA THR A 216 21.12 34.25 6.03
C THR A 216 21.44 32.83 5.60
N MET A 217 22.42 32.21 6.25
CA MET A 217 22.77 30.86 5.85
C MET A 217 21.68 29.86 6.22
N LEU A 218 20.97 30.09 7.32
CA LEU A 218 19.88 29.20 7.71
C LEU A 218 18.71 29.26 6.73
N ASN A 219 18.48 30.39 6.09
CA ASN A 219 17.42 30.53 5.09
C ASN A 219 17.78 29.93 3.73
N SER A 220 18.74 29.00 3.64
N SER A 220 18.79 29.05 3.71
CA SER A 220 19.04 28.38 2.36
CA SER A 220 19.37 28.38 2.55
C SER A 220 19.46 26.91 2.51
C SER A 220 18.70 28.69 1.23
N CYS A 221 18.90 26.20 3.50
N CYS A 221 17.58 28.01 0.96
CA CYS A 221 19.29 24.82 3.77
CA CYS A 221 16.86 28.02 -0.31
C CYS A 221 18.64 23.83 2.81
C CYS A 221 17.62 27.28 -1.41
N ALA A 222 17.50 24.18 2.21
N ALA A 222 18.95 27.48 -1.45
CA ALA A 222 16.88 23.33 1.20
CA ALA A 222 19.78 26.89 -2.49
C ALA A 222 17.82 23.04 0.03
C ALA A 222 19.88 25.37 -2.38
N SER A 223 18.89 23.81 -0.12
N SER A 223 19.47 24.78 -1.24
CA SER A 223 19.83 23.62 -1.22
CA SER A 223 19.41 23.35 -1.03
C SER A 223 20.97 22.69 -0.86
C SER A 223 20.77 22.68 -0.85
N GLY A 224 20.87 21.89 0.21
CA GLY A 224 22.01 21.07 0.54
C GLY A 224 22.99 21.71 1.50
N ILE A 225 22.57 22.74 2.22
CA ILE A 225 23.42 23.47 3.15
C ILE A 225 23.03 23.08 4.56
N THR A 226 24.04 22.96 5.44
CA THR A 226 23.79 22.78 6.85
C THR A 226 24.69 23.74 7.61
N VAL A 227 24.26 24.11 8.81
CA VAL A 227 24.85 25.25 9.52
C VAL A 227 25.35 24.85 10.89
N VAL A 228 26.43 25.53 11.31
CA VAL A 228 26.95 25.44 12.67
C VAL A 228 26.94 26.83 13.31
N ASN A 229 27.30 26.89 14.59
CA ASN A 229 27.24 28.12 15.36
C ASN A 229 28.29 29.14 14.89
N ILE A 230 28.13 30.37 15.37
CA ILE A 230 29.00 31.47 14.94
C ILE A 230 30.43 31.20 15.37
N ASP A 231 31.36 31.35 14.43
CA ASP A 231 32.81 31.16 14.57
C ASP A 231 33.20 29.71 14.78
N ASN A 232 32.26 28.76 14.71
CA ASN A 232 32.55 27.38 15.09
C ASN A 232 33.23 26.62 13.95
N GLY A 233 34.44 27.07 13.63
CA GLY A 233 35.22 26.37 12.61
C GLY A 233 35.57 24.94 13.01
N PHE A 234 35.80 24.70 14.30
CA PHE A 234 36.04 23.34 14.77
C PHE A 234 34.84 22.44 14.47
N GLY A 235 33.65 22.85 14.89
CA GLY A 235 32.48 22.01 14.75
C GLY A 235 32.21 21.62 13.30
N ALA A 236 32.35 22.58 12.39
CA ALA A 236 32.18 22.27 10.97
C ALA A 236 33.18 21.21 10.52
N ALA A 237 34.45 21.39 10.85
CA ALA A 237 35.46 20.42 10.44
C ALA A 237 35.22 19.08 11.10
N TYR A 238 34.73 19.08 12.34
CA TYR A 238 34.41 17.81 13.00
C TYR A 238 33.34 17.05 12.23
N SER A 239 32.29 17.74 11.79
CA SER A 239 31.27 17.07 10.99
C SER A 239 31.78 16.73 9.60
N ALA A 240 32.49 17.66 8.95
CA ALA A 240 33.04 17.38 7.62
C ALA A 240 33.91 16.14 7.63
N SER A 241 34.73 15.97 8.66
CA SER A 241 35.61 14.80 8.74
C SER A 241 34.79 13.53 8.81
N MET A 242 33.72 13.51 9.59
CA MET A 242 32.87 12.32 9.65
C MET A 242 32.27 12.02 8.29
N VAL A 243 31.84 13.05 7.56
CA VAL A 243 31.24 12.83 6.24
C VAL A 243 32.31 12.43 5.24
N ASN A 244 33.47 13.07 5.30
CA ASN A 244 34.53 12.80 4.32
C ASN A 244 35.04 11.38 4.43
N GLN A 245 35.04 10.81 5.62
CA GLN A 245 35.66 9.50 5.84
C GLN A 245 34.60 8.39 5.92
N MET A 246 33.74 8.35 4.92
CA MET A 246 32.72 7.32 4.82
C MET A 246 33.06 6.32 3.72
N ARG B 44 23.07 18.14 -15.35
CA ARG B 44 23.04 18.00 -13.90
C ARG B 44 22.22 16.77 -13.51
N ARG B 45 22.75 15.60 -13.89
CA ARG B 45 22.13 14.31 -13.56
C ARG B 45 22.72 13.78 -12.26
N ASN B 46 22.37 14.45 -11.17
CA ASN B 46 22.76 14.04 -9.82
C ASN B 46 22.03 12.78 -9.36
N GLY B 47 21.06 12.30 -10.12
CA GLY B 47 20.27 11.16 -9.71
C GLY B 47 19.16 11.48 -8.74
N PHE B 48 19.06 12.73 -8.30
CA PHE B 48 18.04 13.14 -7.35
C PHE B 48 16.67 13.21 -8.02
N PRO B 49 15.61 12.84 -7.31
CA PRO B 49 14.27 13.02 -7.85
C PRO B 49 13.95 14.50 -7.98
N GLU B 50 12.94 14.79 -8.79
CA GLU B 50 12.49 16.15 -8.93
C GLU B 50 11.64 16.53 -7.72
N VAL B 51 11.82 17.75 -7.23
CA VAL B 51 11.15 18.21 -6.03
C VAL B 51 10.36 19.47 -6.36
N ILE B 52 9.10 19.50 -5.95
CA ILE B 52 8.23 20.65 -6.14
C ILE B 52 7.86 21.17 -4.76
N TYR B 53 8.05 22.46 -4.53
CA TYR B 53 7.64 23.11 -3.29
C TYR B 53 6.22 23.61 -3.50
N GLY B 54 5.25 22.89 -2.92
CA GLY B 54 3.86 23.18 -3.17
C GLY B 54 3.24 24.22 -2.27
N ALA B 55 4.06 24.92 -1.48
CA ALA B 55 3.53 25.95 -0.61
C ALA B 55 2.96 27.11 -1.42
N GLY B 56 3.67 27.53 -2.47
CA GLY B 56 3.26 28.66 -3.26
C GLY B 56 2.57 28.28 -4.57
N LYS B 57 2.70 27.03 -4.98
CA LYS B 57 2.10 26.57 -6.23
C LYS B 57 0.63 26.18 -6.04
N THR B 58 -0.18 26.44 -7.07
CA THR B 58 -1.58 26.06 -7.03
C THR B 58 -1.73 24.58 -7.40
N ALA B 59 -2.91 24.02 -7.10
CA ALA B 59 -3.17 22.62 -7.38
C ALA B 59 -3.13 22.34 -8.89
N THR B 60 -3.54 23.31 -9.69
CA THR B 60 -3.41 23.15 -11.14
C THR B 60 -1.97 23.34 -11.58
N GLN B 61 -1.30 24.35 -11.03
CA GLN B 61 0.08 24.64 -11.40
C GLN B 61 0.97 23.43 -11.16
N ILE B 62 0.70 22.69 -10.07
CA ILE B 62 1.47 21.49 -9.75
C ILE B 62 1.25 20.42 -10.81
N VAL B 63 -0.01 20.22 -11.20
CA VAL B 63 -0.34 19.20 -12.20
C VAL B 63 0.41 19.47 -13.50
N GLY B 64 0.56 20.73 -13.88
CA GLY B 64 1.30 21.05 -15.08
C GLY B 64 2.76 20.63 -15.00
N ILE B 65 3.39 20.83 -13.84
CA ILE B 65 4.79 20.44 -13.69
C ILE B 65 4.92 18.93 -13.68
N VAL B 66 4.02 18.22 -13.00
CA VAL B 66 4.16 16.77 -12.85
C VAL B 66 4.02 16.07 -14.19
N GLN B 67 3.03 16.48 -14.99
CA GLN B 67 2.85 15.86 -16.30
C GLN B 67 4.02 16.18 -17.23
N ALA B 68 4.65 17.34 -17.07
CA ALA B 68 5.81 17.66 -17.86
C ALA B 68 7.01 16.83 -17.43
N LEU B 69 7.10 16.51 -16.14
CA LEU B 69 8.25 15.74 -15.64
C LEU B 69 7.89 14.26 -15.59
N SER B 70 6.74 13.89 -16.18
CA SER B 70 6.35 12.47 -16.24
C SER B 70 7.00 11.83 -17.47
N GLN B 71 8.25 12.19 -17.75
CA GLN B 71 9.01 11.54 -18.86
C GLN B 71 9.88 10.48 -18.17
N GLN B 72 9.38 9.86 -17.10
CA GLN B 72 10.14 8.85 -16.31
C GLN B 72 11.55 9.36 -16.03
N THR B 73 11.68 10.66 -15.70
CA THR B 73 12.99 11.21 -15.33
C THR B 73 13.41 10.56 -14.02
N LEU B 74 12.46 10.38 -13.09
CA LEU B 74 12.70 9.88 -11.74
C LEU B 74 11.34 9.95 -11.03
N PRO B 75 11.23 9.58 -9.75
CA PRO B 75 9.98 9.87 -9.04
C PRO B 75 9.98 11.33 -8.64
N ILE B 76 8.80 11.84 -8.32
CA ILE B 76 8.64 13.26 -8.08
C ILE B 76 8.03 13.47 -6.70
N LEU B 77 8.67 14.32 -5.92
CA LEU B 77 8.26 14.63 -4.56
C LEU B 77 7.70 16.04 -4.51
N THR B 78 6.61 16.21 -3.77
CA THR B 78 5.99 17.51 -3.61
C THR B 78 5.82 17.76 -2.12
N THR B 79 6.38 18.86 -1.63
CA THR B 79 6.44 19.14 -0.21
C THR B 79 5.48 20.26 0.15
N ARG B 80 5.18 20.35 1.44
CA ARG B 80 4.32 21.40 1.98
C ARG B 80 3.02 21.50 1.17
N LEU B 81 2.37 20.35 0.98
CA LEU B 81 1.15 20.24 0.20
C LEU B 81 -0.05 20.06 1.13
N SER B 82 -0.91 21.07 1.21
CA SER B 82 -2.05 21.01 2.12
C SER B 82 -2.98 19.85 1.75
N ALA B 83 -3.74 19.40 2.75
CA ALA B 83 -4.64 18.27 2.53
C ALA B 83 -5.75 18.64 1.55
N GLU B 84 -6.26 19.86 1.64
CA GLU B 84 -7.25 20.33 0.68
C GLU B 84 -6.65 20.43 -0.72
N LYS B 85 -5.44 20.97 -0.84
CA LYS B 85 -4.81 21.09 -2.15
C LYS B 85 -4.59 19.73 -2.80
N PHE B 86 -4.40 18.68 -2.00
CA PHE B 86 -4.28 17.35 -2.58
C PHE B 86 -5.63 16.85 -3.09
N ALA B 87 -6.70 17.20 -2.37
CA ALA B 87 -8.03 16.83 -2.82
C ALA B 87 -8.32 17.43 -4.20
N ALA B 88 -7.89 18.67 -4.43
CA ALA B 88 -8.09 19.29 -5.73
C ALA B 88 -7.25 18.65 -6.82
N LEU B 89 -6.20 17.90 -6.45
CA LEU B 89 -5.26 17.34 -7.41
C LEU B 89 -5.49 15.87 -7.69
N GLN B 90 -6.09 15.13 -6.76
CA GLN B 90 -6.16 13.67 -6.87
C GLN B 90 -6.92 13.15 -8.08
N PRO B 91 -8.05 13.74 -8.51
CA PRO B 91 -8.68 13.27 -9.76
C PRO B 91 -7.75 13.29 -10.97
N ALA B 92 -6.72 14.14 -10.93
CA ALA B 92 -5.82 14.25 -12.08
C ALA B 92 -4.65 13.27 -12.00
N LEU B 93 -4.10 13.06 -10.81
CA LEU B 93 -3.05 12.06 -10.65
C LEU B 93 -3.57 10.92 -9.79
N PRO B 94 -4.26 9.92 -10.36
CA PRO B 94 -4.82 8.84 -9.54
C PRO B 94 -3.78 7.88 -9.03
N THR B 95 -2.57 7.90 -9.58
CA THR B 95 -1.48 7.02 -9.16
C THR B 95 -0.54 7.71 -8.17
N ALA B 96 -1.02 8.73 -7.48
CA ALA B 96 -0.20 9.52 -6.58
C ALA B 96 -0.49 9.12 -5.14
N VAL B 97 0.53 9.26 -4.29
CA VAL B 97 0.43 8.90 -2.89
C VAL B 97 0.62 10.16 -2.06
N TYR B 98 -0.32 10.44 -1.17
CA TYR B 98 -0.27 11.56 -0.27
C TYR B 98 0.11 11.07 1.12
N HIS B 99 1.00 11.78 1.78
CA HIS B 99 1.42 11.46 3.13
C HIS B 99 0.89 12.57 4.03
N ALA B 100 -0.28 12.31 4.64
CA ALA B 100 -1.03 13.35 5.33
C ALA B 100 -0.17 14.07 6.39
N THR B 101 0.39 13.31 7.32
CA THR B 101 1.19 13.90 8.39
C THR B 101 2.38 14.68 7.84
N ALA B 102 3.04 14.13 6.81
CA ALA B 102 4.18 14.80 6.20
C ALA B 102 3.76 15.93 5.26
N GLN B 103 2.48 15.98 4.87
CA GLN B 103 1.99 16.95 3.88
C GLN B 103 2.83 16.89 2.61
N CYS B 104 3.18 15.68 2.21
CA CYS B 104 3.99 15.43 1.02
C CYS B 104 3.22 14.55 0.05
N MET B 105 3.61 14.62 -1.22
CA MET B 105 2.98 13.84 -2.26
C MET B 105 4.05 13.30 -3.18
N THR B 106 4.06 11.99 -3.39
CA THR B 106 4.99 11.36 -4.31
C THR B 106 4.19 10.74 -5.44
N VAL B 107 4.67 10.92 -6.67
CA VAL B 107 4.14 10.23 -7.84
C VAL B 107 5.26 9.41 -8.42
N GLY B 108 4.99 8.13 -8.65
CA GLY B 108 6.05 7.21 -8.99
C GLY B 108 6.60 6.53 -7.76
N GLU B 109 7.30 5.42 -7.99
CA GLU B 109 7.88 4.63 -6.91
C GLU B 109 9.36 4.44 -7.21
N GLN B 110 10.22 4.96 -6.34
N GLN B 110 10.21 4.97 -6.34
CA GLN B 110 11.65 4.74 -6.52
CA GLN B 110 11.64 4.74 -6.45
C GLN B 110 11.92 3.25 -6.50
C GLN B 110 11.93 3.24 -6.46
N PRO B 111 12.76 2.73 -7.38
CA PRO B 111 12.90 1.27 -7.54
C PRO B 111 13.29 0.49 -6.30
N ALA B 112 14.42 0.85 -5.72
CA ALA B 112 14.96 0.20 -4.55
C ALA B 112 15.94 1.17 -3.90
N PRO B 113 16.21 1.00 -2.60
CA PRO B 113 17.19 1.88 -1.95
C PRO B 113 18.49 1.89 -2.74
N LYS B 114 19.07 3.08 -2.91
CA LYS B 114 20.29 3.16 -3.69
C LYS B 114 21.50 2.68 -2.90
N THR B 115 21.43 2.69 -1.58
CA THR B 115 22.56 2.34 -0.70
C THR B 115 22.05 1.46 0.43
N PRO B 116 22.91 0.55 0.95
CA PRO B 116 22.49 -0.30 2.08
C PRO B 116 22.24 0.45 3.38
N GLY B 117 23.17 1.33 3.75
CA GLY B 117 23.03 2.13 4.95
C GLY B 117 21.68 2.80 5.10
N TYR B 118 21.29 3.12 6.33
CA TYR B 118 20.02 3.78 6.58
C TYR B 118 20.21 5.08 7.35
N ILE B 119 19.20 5.93 7.27
CA ILE B 119 19.12 7.17 8.03
C ILE B 119 18.16 6.98 9.18
N ALA B 120 18.53 7.45 10.37
CA ALA B 120 17.66 7.38 11.54
C ALA B 120 17.05 8.75 11.78
N VAL B 121 15.72 8.78 11.91
CA VAL B 121 14.97 10.02 12.16
C VAL B 121 14.44 9.94 13.59
N VAL B 122 15.00 10.77 14.46
CA VAL B 122 14.75 10.71 15.90
C VAL B 122 13.96 11.94 16.32
N THR B 123 12.90 11.73 17.10
CA THR B 123 12.06 12.84 17.53
C THR B 123 11.86 12.81 19.04
N ALA B 124 11.64 13.99 19.60
CA ALA B 124 11.51 14.12 21.04
C ALA B 124 10.08 13.80 21.50
N GLY B 125 9.08 14.27 20.75
CA GLY B 125 7.69 14.12 21.15
C GLY B 125 6.78 13.89 19.95
N THR B 126 5.49 13.68 20.25
CA THR B 126 4.51 13.47 19.19
C THR B 126 4.30 14.73 18.35
N ALA B 127 4.45 15.92 18.94
CA ALA B 127 4.31 17.15 18.19
C ALA B 127 5.35 17.30 17.09
N ASP B 128 6.43 16.51 17.13
CA ASP B 128 7.43 16.52 16.07
C ASP B 128 7.09 15.59 14.91
N GLN B 129 5.93 14.94 14.95
CA GLN B 129 5.63 13.94 13.91
C GLN B 129 5.52 14.55 12.51
N PRO B 130 4.85 15.71 12.29
CA PRO B 130 4.80 16.27 10.92
C PRO B 130 6.14 16.49 10.24
N VAL B 131 7.04 17.30 10.83
CA VAL B 131 8.29 17.54 10.14
C VAL B 131 9.16 16.28 10.13
N ALA B 132 9.03 15.43 11.15
CA ALA B 132 9.74 14.15 11.10
C ALA B 132 9.31 13.35 9.88
N GLU B 133 8.01 13.30 9.63
CA GLU B 133 7.52 12.52 8.50
C GLU B 133 7.94 13.14 7.18
N GLU B 134 7.97 14.48 7.12
CA GLU B 134 8.49 15.17 5.94
C GLU B 134 9.93 14.78 5.67
N ALA B 135 10.75 14.70 6.73
CA ALA B 135 12.13 14.25 6.54
C ALA B 135 12.19 12.78 6.13
N ALA B 136 11.37 11.93 6.75
CA ALA B 136 11.42 10.51 6.44
C ALA B 136 10.90 10.23 5.04
N VAL B 137 9.84 10.92 4.61
CA VAL B 137 9.30 10.69 3.28
C VAL B 137 10.28 11.21 2.23
N THR B 138 10.94 12.33 2.50
CA THR B 138 11.94 12.83 1.56
C THR B 138 13.10 11.87 1.41
N ALA B 139 13.61 11.35 2.53
CA ALA B 139 14.77 10.47 2.46
C ALA B 139 14.45 9.17 1.74
N GLU B 140 13.26 8.62 1.97
CA GLU B 140 12.88 7.39 1.28
C GLU B 140 12.66 7.64 -0.20
N THR B 141 12.09 8.80 -0.55
CA THR B 141 11.93 9.14 -1.96
C THR B 141 13.27 9.34 -2.64
N PHE B 142 14.28 9.81 -1.90
CA PHE B 142 15.60 9.99 -2.46
C PHE B 142 16.42 8.71 -2.50
N GLY B 143 15.83 7.59 -2.11
CA GLY B 143 16.49 6.32 -2.24
C GLY B 143 17.23 5.84 -1.02
N ASN B 144 16.80 6.24 0.17
CA ASN B 144 17.44 5.83 1.40
C ASN B 144 16.48 4.97 2.20
N ARG B 145 17.00 3.94 2.86
CA ARG B 145 16.26 3.29 3.92
C ARG B 145 16.23 4.19 5.14
N VAL B 146 15.08 4.23 5.81
CA VAL B 146 14.83 5.14 6.92
C VAL B 146 14.33 4.32 8.10
N GLU B 147 14.93 4.54 9.27
CA GLU B 147 14.48 3.93 10.51
C GLU B 147 13.91 5.01 11.40
N ARG B 148 12.63 4.88 11.75
CA ARG B 148 11.93 5.87 12.54
C ARG B 148 12.07 5.53 14.02
N VAL B 149 12.60 6.48 14.78
CA VAL B 149 12.77 6.34 16.24
C VAL B 149 12.03 7.51 16.86
N TYR B 150 10.73 7.33 17.10
CA TYR B 150 9.88 8.43 17.54
C TYR B 150 9.63 8.37 19.04
N ASP B 151 9.42 9.56 19.62
CA ASP B 151 8.98 9.72 21.00
C ASP B 151 10.02 9.19 22.00
N VAL B 152 11.20 9.80 21.96
CA VAL B 152 12.27 9.41 22.86
C VAL B 152 12.87 10.61 23.56
N GLY B 153 12.05 11.63 23.83
CA GLY B 153 12.56 12.85 24.43
C GLY B 153 13.14 12.59 25.81
N VAL B 154 13.96 13.55 26.27
CA VAL B 154 14.75 13.32 27.47
C VAL B 154 13.95 13.44 28.75
N ALA B 155 12.66 13.78 28.66
CA ALA B 155 11.82 13.72 29.85
C ALA B 155 11.69 12.29 30.35
N GLY B 156 11.73 11.31 29.44
CA GLY B 156 11.93 9.92 29.81
C GLY B 156 13.01 9.35 28.92
N ILE B 157 14.19 9.13 29.49
CA ILE B 157 15.39 8.91 28.68
C ILE B 157 15.64 7.42 28.45
N HIS B 158 15.03 6.56 29.26
CA HIS B 158 15.10 5.12 28.99
C HIS B 158 14.55 4.80 27.61
N ARG B 159 13.54 5.56 27.15
CA ARG B 159 12.99 5.35 25.82
C ARG B 159 14.06 5.59 24.76
N LEU B 160 14.94 6.56 25.01
CA LEU B 160 16.02 6.82 24.07
C LEU B 160 17.06 5.71 24.13
N PHE B 161 17.37 5.23 25.34
CA PHE B 161 18.35 4.17 25.48
C PHE B 161 17.85 2.85 24.94
N ALA B 162 16.54 2.62 24.99
CA ALA B 162 15.98 1.40 24.43
C ALA B 162 16.27 1.28 22.94
N LYS B 163 16.25 2.40 22.23
CA LYS B 163 16.49 2.40 20.80
C LYS B 163 17.88 2.90 20.43
N LEU B 164 18.85 2.82 21.35
CA LEU B 164 20.17 3.39 21.07
C LEU B 164 20.93 2.57 20.03
N ASP B 165 20.77 1.25 20.04
CA ASP B 165 21.47 0.44 19.06
C ASP B 165 21.01 0.79 17.65
N VAL B 166 19.70 1.04 17.49
CA VAL B 166 19.18 1.45 16.19
C VAL B 166 19.78 2.79 15.75
N ILE B 167 19.88 3.74 16.69
CA ILE B 167 20.39 5.06 16.31
C ILE B 167 21.88 4.99 16.01
N ARG B 168 22.64 4.25 16.82
CA ARG B 168 24.08 4.16 16.59
C ARG B 168 24.39 3.41 15.30
N GLY B 169 23.50 2.53 14.86
CA GLY B 169 23.74 1.81 13.63
C GLY B 169 23.51 2.60 12.36
N ALA B 170 22.91 3.78 12.47
CA ALA B 170 22.65 4.58 11.28
C ALA B 170 23.94 5.14 10.71
N ARG B 171 23.88 5.55 9.45
CA ARG B 171 24.98 6.28 8.83
C ARG B 171 24.83 7.78 9.01
N VAL B 172 23.59 8.25 9.11
CA VAL B 172 23.27 9.63 9.43
C VAL B 172 22.09 9.61 10.37
N VAL B 173 22.05 10.56 11.30
CA VAL B 173 20.94 10.68 12.24
C VAL B 173 20.34 12.07 12.09
N ILE B 174 19.04 12.14 11.89
CA ILE B 174 18.30 13.39 11.88
C ILE B 174 17.55 13.48 13.20
N VAL B 175 17.80 14.53 13.96
CA VAL B 175 17.18 14.74 15.27
C VAL B 175 16.19 15.88 15.15
N ILE B 176 14.96 15.64 15.58
CA ILE B 176 13.87 16.59 15.39
C ILE B 176 13.24 16.86 16.75
N ALA B 177 13.24 18.12 17.17
CA ALA B 177 12.72 18.41 18.50
C ALA B 177 12.28 19.86 18.57
N GLY B 178 11.28 20.10 19.41
CA GLY B 178 10.86 21.46 19.67
C GLY B 178 10.95 21.75 21.15
N MET B 179 9.84 22.20 21.76
CA MET B 179 9.74 22.58 23.17
C MET B 179 11.12 22.82 23.80
N GLU B 180 11.82 21.73 24.13
CA GLU B 180 13.16 21.83 24.71
C GLU B 180 14.26 21.70 23.66
N GLY B 181 14.18 20.69 22.80
CA GLY B 181 15.20 20.45 21.80
C GLY B 181 16.55 20.08 22.34
N ALA B 182 16.62 19.68 23.61
CA ALA B 182 17.87 19.24 24.21
C ALA B 182 18.27 17.85 23.74
N LEU B 183 17.37 17.16 23.04
CA LEU B 183 17.64 15.79 22.63
C LEU B 183 18.81 15.71 21.64
N ALA B 184 19.00 16.77 20.84
CA ALA B 184 20.11 16.77 19.89
C ALA B 184 21.45 16.69 20.60
N SER B 185 21.60 17.44 21.69
CA SER B 185 22.86 17.41 22.43
C SER B 185 23.09 16.05 23.06
N VAL B 186 22.03 15.41 23.56
CA VAL B 186 22.16 14.08 24.13
C VAL B 186 22.52 13.07 23.05
N VAL B 187 21.83 13.12 21.91
CA VAL B 187 22.11 12.20 20.82
C VAL B 187 23.51 12.45 20.27
N GLY B 188 23.86 13.73 20.07
CA GLY B 188 25.18 14.05 19.55
C GLY B 188 26.31 13.52 20.42
N GLY B 189 26.10 13.50 21.73
CA GLY B 189 27.10 12.98 22.65
C GLY B 189 27.12 11.48 22.75
N LEU B 190 26.13 10.80 22.16
CA LEU B 190 26.03 9.35 22.22
C LEU B 190 26.39 8.65 20.92
N VAL B 191 26.44 9.36 19.80
CA VAL B 191 26.76 8.75 18.51
C VAL B 191 28.01 9.43 17.94
N ASP B 192 28.76 8.67 17.15
CA ASP B 192 29.94 9.20 16.47
C ASP B 192 29.72 9.17 14.97
N LYS B 193 28.52 9.53 14.55
CA LYS B 193 28.09 9.66 13.16
C LYS B 193 27.47 11.04 12.99
N PRO B 194 27.40 11.53 11.76
CA PRO B 194 26.80 12.86 11.53
C PRO B 194 25.39 12.97 12.09
N VAL B 195 25.14 14.06 12.80
CA VAL B 195 23.82 14.40 13.32
C VAL B 195 23.38 15.70 12.68
N ILE B 196 22.20 15.69 12.08
CA ILE B 196 21.56 16.90 11.55
C ILE B 196 20.33 17.19 12.39
N ALA B 197 20.28 18.36 12.99
CA ALA B 197 19.24 18.72 13.95
C ALA B 197 18.21 19.64 13.30
N VAL B 198 16.94 19.32 13.49
CA VAL B 198 15.86 20.12 12.92
C VAL B 198 15.05 20.73 14.05
N PRO B 199 15.04 22.04 14.21
CA PRO B 199 14.15 22.65 15.18
C PRO B 199 12.73 22.77 14.61
N THR B 200 11.76 22.51 15.47
CA THR B 200 10.37 22.63 15.06
C THR B 200 9.72 23.78 15.81
N SER B 201 8.66 24.30 15.22
CA SER B 201 7.97 25.47 15.73
C SER B 201 6.79 25.12 16.61
N VAL B 202 6.81 23.96 17.28
CA VAL B 202 5.70 23.59 18.16
C VAL B 202 6.01 24.25 19.50
N GLY B 203 5.37 25.39 19.76
CA GLY B 203 5.77 26.22 20.86
C GLY B 203 4.71 26.56 21.88
N TYR B 204 5.19 26.76 23.12
CA TYR B 204 4.39 27.20 24.25
C TYR B 204 5.17 28.31 24.93
N GLY B 205 4.57 29.50 25.04
CA GLY B 205 5.24 30.58 25.75
C GLY B 205 6.55 30.96 25.09
N THR B 206 7.67 30.83 25.84
CA THR B 206 9.03 31.25 25.46
C THR B 206 9.65 30.36 24.43
N SER B 207 8.91 29.39 23.90
CA SER B 207 9.39 28.59 22.78
C SER B 207 9.71 29.46 21.57
N PHE B 208 9.07 30.63 21.46
CA PHE B 208 9.37 31.61 20.41
C PHE B 208 9.27 31.00 19.02
N GLN B 209 8.26 30.15 18.80
CA GLN B 209 7.99 29.55 17.49
C GLN B 209 9.20 28.81 16.94
N GLY B 210 9.91 28.10 17.82
CA GLY B 210 11.04 27.29 17.42
C GLY B 210 12.40 27.95 17.52
N MET B 211 12.45 29.25 17.84
CA MET B 211 13.72 29.94 17.95
C MET B 211 14.56 29.34 19.07
N THR B 212 13.95 29.07 20.22
CA THR B 212 14.69 28.50 21.35
C THR B 212 15.32 27.17 20.98
N ALA B 213 14.56 26.29 20.32
CA ALA B 213 15.11 25.00 19.91
C ALA B 213 16.26 25.19 18.93
N LEU B 214 16.15 26.18 18.04
CA LEU B 214 17.22 26.45 17.09
C LEU B 214 18.49 26.89 17.78
N LEU B 215 18.37 27.84 18.73
CA LEU B 215 19.55 28.29 19.47
C LEU B 215 20.14 27.17 20.30
N THR B 216 19.28 26.36 20.92
CA THR B 216 19.76 25.22 21.70
C THR B 216 20.59 24.28 20.85
N MET B 217 20.14 24.01 19.62
CA MET B 217 20.86 23.07 18.76
C MET B 217 22.18 23.66 18.29
N LEU B 218 22.21 24.95 17.99
N LEU B 218 22.22 24.96 18.02
CA LEU B 218 23.45 25.58 17.54
CA LEU B 218 23.48 25.66 17.89
C LEU B 218 24.50 25.59 18.63
C LEU B 218 24.20 25.66 19.24
N ASN B 219 24.08 25.64 19.89
N ASN B 219 25.53 25.76 19.19
CA ASN B 219 25.01 25.72 21.01
CA ASN B 219 26.39 25.64 20.37
C ASN B 219 25.24 24.38 21.69
C ASN B 219 26.30 24.26 21.00
N SER B 220 25.09 23.28 20.96
N SER B 220 25.30 23.47 20.61
CA SER B 220 25.24 21.96 21.55
CA SER B 220 25.34 22.03 20.80
C SER B 220 26.66 21.78 22.08
C SER B 220 26.13 21.34 19.69
N CYS B 221 26.77 21.42 23.36
N CYS B 221 26.68 22.11 18.76
CA CYS B 221 28.07 21.05 23.91
CA CYS B 221 27.60 21.59 17.76
C CYS B 221 28.66 19.87 23.14
C CYS B 221 28.93 21.26 18.42
N ALA B 222 27.81 18.90 22.78
N ALA B 222 30.04 21.64 17.79
CA ALA B 222 28.26 17.77 21.99
CA ALA B 222 31.38 21.42 18.34
C ALA B 222 28.59 18.23 20.57
C ALA B 222 31.57 19.97 18.80
N SER B 223 29.74 17.81 20.06
N SER B 223 30.77 19.06 18.24
CA SER B 223 30.13 18.15 18.71
CA SER B 223 30.72 17.67 18.69
C SER B 223 29.59 17.11 17.73
C SER B 223 30.05 16.81 17.64
N GLY B 224 29.83 17.35 16.45
CA GLY B 224 29.26 16.56 15.38
C GLY B 224 27.82 16.82 15.04
N ILE B 225 27.25 17.93 15.51
CA ILE B 225 25.87 18.30 15.22
C ILE B 225 25.89 19.44 14.22
N THR B 226 25.00 19.38 13.26
CA THR B 226 24.85 20.44 12.27
C THR B 226 23.36 20.74 12.12
N VAL B 227 23.02 21.99 11.76
CA VAL B 227 21.65 22.49 11.91
C VAL B 227 21.08 23.04 10.60
N VAL B 228 19.74 22.91 10.46
CA VAL B 228 18.97 23.53 9.39
C VAL B 228 17.93 24.47 10.00
N ASN B 229 17.20 25.20 9.17
CA ASN B 229 16.21 26.17 9.65
C ASN B 229 14.98 25.47 10.24
N ILE B 230 14.15 26.27 10.89
CA ILE B 230 12.98 25.76 11.61
C ILE B 230 12.02 25.06 10.66
N ASP B 231 11.58 23.87 11.05
CA ASP B 231 10.63 23.02 10.36
C ASP B 231 11.16 22.46 9.04
N ASN B 232 12.42 22.67 8.69
CA ASN B 232 12.95 22.27 7.38
C ASN B 232 13.37 20.80 7.38
N GLY B 233 12.38 19.93 7.59
CA GLY B 233 12.64 18.50 7.54
C GLY B 233 13.10 18.02 6.18
N PHE B 234 12.56 18.63 5.10
CA PHE B 234 13.02 18.30 3.77
C PHE B 234 14.51 18.55 3.63
N GLY B 235 14.96 19.75 4.00
CA GLY B 235 16.36 20.10 3.82
C GLY B 235 17.29 19.16 4.55
N ALA B 236 16.95 18.79 5.78
CA ALA B 236 17.77 17.84 6.53
C ALA B 236 17.91 16.52 5.78
N ALA B 237 16.79 16.00 5.27
CA ALA B 237 16.85 14.75 4.53
C ALA B 237 17.65 14.91 3.25
N TYR B 238 17.56 16.07 2.61
CA TYR B 238 18.36 16.32 1.41
C TYR B 238 19.86 16.24 1.73
N SER B 239 20.28 16.89 2.81
CA SER B 239 21.68 16.80 3.22
C SER B 239 22.03 15.41 3.72
N ALA B 240 21.15 14.82 4.54
CA ALA B 240 21.37 13.45 5.02
C ALA B 240 21.53 12.46 3.85
N SER B 241 20.69 12.59 2.83
CA SER B 241 20.76 11.66 1.70
C SER B 241 22.11 11.76 1.00
N MET B 242 22.63 12.97 0.82
CA MET B 242 23.95 13.13 0.22
C MET B 242 25.01 12.44 1.07
N VAL B 243 24.91 12.55 2.40
CA VAL B 243 25.89 11.93 3.26
C VAL B 243 25.75 10.41 3.21
N ASN B 244 24.51 9.92 3.21
CA ASN B 244 24.29 8.48 3.24
C ASN B 244 24.79 7.80 1.98
N GLN B 245 24.72 8.48 0.84
CA GLN B 245 25.02 7.87 -0.46
C GLN B 245 26.39 8.26 -0.99
N MET B 246 27.46 8.07 -0.21
CA MET B 246 28.80 8.38 -0.70
C MET B 246 29.60 7.12 -1.01
N ASN C 46 29.82 -4.40 -24.45
CA ASN C 46 30.75 -5.43 -23.97
C ASN C 46 30.55 -5.63 -22.46
N GLY C 47 31.25 -4.83 -21.66
CA GLY C 47 30.94 -4.72 -20.25
C GLY C 47 31.93 -5.31 -19.25
N PHE C 48 32.06 -6.64 -19.26
CA PHE C 48 32.59 -7.32 -18.08
C PHE C 48 34.11 -7.38 -18.09
N PRO C 49 34.73 -7.37 -16.91
CA PRO C 49 36.18 -7.58 -16.83
C PRO C 49 36.53 -9.03 -17.15
N GLU C 50 37.80 -9.24 -17.47
CA GLU C 50 38.27 -10.57 -17.81
C GLU C 50 38.40 -11.41 -16.55
N VAL C 51 38.05 -12.68 -16.67
CA VAL C 51 37.98 -13.60 -15.54
C VAL C 51 38.91 -14.78 -15.83
N ILE C 52 39.74 -15.12 -14.85
CA ILE C 52 40.66 -16.23 -14.95
C ILE C 52 40.29 -17.27 -13.89
N TYR C 53 40.11 -18.52 -14.32
CA TYR C 53 39.85 -19.62 -13.40
C TYR C 53 41.20 -20.23 -13.03
N GLY C 54 41.67 -19.94 -11.83
CA GLY C 54 43.00 -20.37 -11.44
C GLY C 54 43.08 -21.71 -10.75
N ALA C 55 41.99 -22.48 -10.71
CA ALA C 55 42.02 -23.75 -10.02
C ALA C 55 42.96 -24.74 -10.70
N GLY C 56 42.87 -24.86 -12.01
CA GLY C 56 43.66 -25.85 -12.73
C GLY C 56 44.92 -25.27 -13.34
N LYS C 57 44.99 -23.95 -13.45
CA LYS C 57 46.16 -23.31 -14.03
C LYS C 57 47.24 -23.15 -12.97
N THR C 58 48.49 -23.31 -13.40
CA THR C 58 49.61 -23.17 -12.48
C THR C 58 49.93 -21.70 -12.26
N ALA C 59 50.72 -21.45 -11.20
CA ALA C 59 51.09 -20.08 -10.89
C ALA C 59 51.84 -19.44 -12.04
N THR C 60 52.61 -20.22 -12.79
CA THR C 60 53.29 -19.67 -13.96
C THR C 60 52.34 -19.47 -15.13
N GLN C 61 51.47 -20.44 -15.39
CA GLN C 61 50.53 -20.32 -16.51
C GLN C 61 49.69 -19.06 -16.35
N ILE C 62 49.32 -18.73 -15.11
CA ILE C 62 48.47 -17.57 -14.86
C ILE C 62 49.18 -16.26 -15.23
N VAL C 63 50.45 -16.12 -14.86
CA VAL C 63 51.19 -14.89 -15.16
C VAL C 63 51.22 -14.63 -16.66
N GLY C 64 51.34 -15.69 -17.46
CA GLY C 64 51.35 -15.51 -18.90
C GLY C 64 50.04 -14.92 -19.40
N ILE C 65 48.93 -15.36 -18.81
CA ILE C 65 47.62 -14.86 -19.22
C ILE C 65 47.45 -13.41 -18.82
N VAL C 66 47.88 -13.04 -17.61
CA VAL C 66 47.61 -11.70 -17.11
C VAL C 66 48.42 -10.66 -17.88
N GLN C 67 49.71 -10.93 -18.10
CA GLN C 67 50.56 -9.96 -18.77
C GLN C 67 50.09 -9.71 -20.19
N ALA C 68 49.59 -10.74 -20.86
CA ALA C 68 49.05 -10.54 -22.20
C ALA C 68 47.68 -9.87 -22.15
N LEU C 69 46.87 -10.19 -21.14
CA LEU C 69 45.53 -9.62 -21.07
C LEU C 69 45.50 -8.25 -20.39
N SER C 70 46.66 -7.72 -19.99
CA SER C 70 46.70 -6.37 -19.44
C SER C 70 46.76 -5.30 -20.52
N GLN C 71 46.53 -5.67 -21.77
CA GLN C 71 46.48 -4.69 -22.85
C GLN C 71 45.04 -4.31 -23.12
N GLN C 72 44.71 -3.05 -22.85
CA GLN C 72 43.36 -2.52 -22.93
C GLN C 72 42.35 -3.39 -22.19
N THR C 73 42.58 -3.55 -20.89
CA THR C 73 41.65 -4.27 -20.02
C THR C 73 41.90 -3.76 -18.61
N LEU C 74 40.94 -3.03 -18.05
CA LEU C 74 41.24 -2.37 -16.79
C LEU C 74 41.15 -3.35 -15.63
N PRO C 75 39.99 -3.83 -15.19
CA PRO C 75 40.02 -4.82 -14.11
C PRO C 75 40.09 -6.24 -14.64
N ILE C 76 40.83 -7.08 -13.91
CA ILE C 76 40.98 -8.49 -14.26
C ILE C 76 40.84 -9.32 -12.99
N LEU C 77 39.95 -10.32 -13.02
CA LEU C 77 39.64 -11.13 -11.86
C LEU C 77 40.16 -12.55 -12.02
N THR C 78 40.74 -13.09 -10.95
CA THR C 78 41.23 -14.46 -10.90
C THR C 78 40.63 -15.16 -9.69
N THR C 79 39.99 -16.30 -9.93
CA THR C 79 39.20 -17.00 -8.92
C THR C 79 39.90 -18.28 -8.50
N ARG C 80 39.49 -18.79 -7.33
CA ARG C 80 40.00 -20.05 -6.79
C ARG C 80 41.53 -20.08 -6.79
N LEU C 81 42.15 -19.01 -6.30
CA LEU C 81 43.59 -18.86 -6.32
C LEU C 81 44.16 -19.13 -4.93
N SER C 82 44.88 -20.24 -4.79
CA SER C 82 45.41 -20.63 -3.49
C SER C 82 46.36 -19.57 -2.94
N ALA C 83 46.49 -19.56 -1.61
CA ALA C 83 47.34 -18.57 -0.96
C ALA C 83 48.81 -18.78 -1.33
N GLU C 84 49.24 -20.03 -1.42
CA GLU C 84 50.61 -20.32 -1.84
C GLU C 84 50.85 -19.88 -3.28
N LYS C 85 49.88 -20.14 -4.17
CA LYS C 85 50.03 -19.74 -5.57
C LYS C 85 50.13 -18.23 -5.72
N PHE C 86 49.53 -17.47 -4.81
CA PHE C 86 49.64 -16.02 -4.88
C PHE C 86 51.03 -15.55 -4.48
N ALA C 87 51.66 -16.24 -3.52
CA ALA C 87 53.02 -15.89 -3.12
C ALA C 87 53.99 -15.99 -4.29
N ALA C 88 53.85 -17.02 -5.13
CA ALA C 88 54.75 -17.17 -6.26
C ALA C 88 54.55 -16.09 -7.32
N LEU C 89 53.44 -15.37 -7.27
CA LEU C 89 53.09 -14.39 -8.29
C LEU C 89 53.38 -12.95 -7.86
N GLN C 90 53.38 -12.68 -6.56
CA GLN C 90 53.48 -11.30 -6.09
C GLN C 90 54.79 -10.64 -6.49
N PRO C 91 55.96 -11.31 -6.46
CA PRO C 91 57.14 -10.70 -7.08
C PRO C 91 56.96 -10.41 -8.57
N ALA C 92 56.09 -11.15 -9.26
CA ALA C 92 55.95 -10.98 -10.70
C ALA C 92 54.88 -9.95 -11.06
N LEU C 93 53.74 -9.97 -10.36
CA LEU C 93 52.66 -9.00 -10.56
C LEU C 93 52.56 -8.13 -9.32
N PRO C 94 53.31 -7.02 -9.25
CA PRO C 94 53.31 -6.23 -8.01
C PRO C 94 52.06 -5.40 -7.78
N THR C 95 51.22 -5.18 -8.78
CA THR C 95 50.01 -4.36 -8.63
C THR C 95 48.76 -5.19 -8.36
N ALA C 96 48.90 -6.40 -7.82
CA ALA C 96 47.77 -7.29 -7.63
C ALA C 96 47.35 -7.33 -6.16
N VAL C 97 46.05 -7.55 -5.95
CA VAL C 97 45.46 -7.65 -4.62
C VAL C 97 44.89 -9.05 -4.45
N TYR C 98 45.28 -9.70 -3.36
CA TYR C 98 44.79 -11.03 -3.02
C TYR C 98 43.75 -10.93 -1.93
N HIS C 99 42.68 -11.70 -2.09
CA HIS C 99 41.59 -11.76 -1.12
C HIS C 99 41.65 -13.15 -0.48
N ALA C 100 42.31 -13.24 0.68
CA ALA C 100 42.67 -14.53 1.26
C ALA C 100 41.47 -15.45 1.42
N THR C 101 40.46 -15.01 2.18
CA THR C 101 39.29 -15.86 2.41
C THR C 101 38.57 -16.17 1.10
N ALA C 102 38.42 -15.17 0.22
CA ALA C 102 37.74 -15.42 -1.05
C ALA C 102 38.61 -16.20 -2.02
N GLN C 103 39.91 -16.29 -1.74
CA GLN C 103 40.88 -16.93 -2.62
C GLN C 103 40.82 -16.37 -4.03
N CYS C 104 40.67 -15.06 -4.14
CA CYS C 104 40.58 -14.38 -5.42
C CYS C 104 41.67 -13.32 -5.55
N MET C 105 42.00 -12.97 -6.78
CA MET C 105 43.06 -12.03 -7.07
C MET C 105 42.64 -11.09 -8.18
N THR C 106 42.72 -9.79 -7.91
CA THR C 106 42.41 -8.74 -8.86
C THR C 106 43.66 -7.94 -9.19
N VAL C 107 43.83 -7.60 -10.46
CA VAL C 107 44.86 -6.67 -10.89
C VAL C 107 44.12 -5.49 -11.51
N GLY C 108 44.54 -4.29 -11.11
CA GLY C 108 43.76 -3.11 -11.40
C GLY C 108 42.91 -2.70 -10.22
N GLU C 109 42.43 -1.46 -10.25
CA GLU C 109 41.67 -0.92 -9.13
C GLU C 109 40.21 -1.26 -9.29
N GLN C 110 39.62 -1.80 -8.24
CA GLN C 110 38.21 -2.17 -8.29
C GLN C 110 37.39 -0.94 -8.64
N PRO C 111 36.41 -1.05 -9.53
CA PRO C 111 35.69 0.13 -9.98
C PRO C 111 34.69 0.60 -8.94
N ALA C 112 34.02 1.67 -9.27
CA ALA C 112 32.98 2.14 -8.40
C ALA C 112 31.64 1.62 -8.89
N PRO C 113 30.63 1.55 -8.02
CA PRO C 113 29.33 1.03 -8.46
C PRO C 113 28.86 1.80 -9.69
N LYS C 114 28.46 1.05 -10.72
CA LYS C 114 28.03 1.68 -11.95
C LYS C 114 26.57 2.11 -11.91
N THR C 115 25.75 1.47 -11.08
CA THR C 115 24.32 1.72 -11.02
C THR C 115 23.89 1.84 -9.56
N PRO C 116 22.84 2.60 -9.29
CA PRO C 116 22.33 2.67 -7.92
C PRO C 116 21.82 1.32 -7.46
N GLY C 117 21.69 1.16 -6.16
CA GLY C 117 21.24 -0.12 -5.66
C GLY C 117 22.40 -1.05 -5.33
N TYR C 118 22.12 -2.04 -4.51
CA TYR C 118 23.12 -2.99 -4.08
C TYR C 118 22.66 -4.44 -4.28
N ILE C 119 23.64 -5.34 -4.22
CA ILE C 119 23.43 -6.78 -4.17
C ILE C 119 23.66 -7.21 -2.72
N ALA C 120 22.77 -8.03 -2.19
CA ALA C 120 22.91 -8.54 -0.83
C ALA C 120 23.44 -9.95 -0.91
N VAL C 121 24.49 -10.22 -0.12
CA VAL C 121 25.10 -11.54 -0.05
C VAL C 121 24.81 -12.07 1.34
N VAL C 122 23.90 -13.03 1.43
CA VAL C 122 23.39 -13.50 2.72
C VAL C 122 23.93 -14.90 2.96
N THR C 123 24.45 -15.14 4.15
CA THR C 123 25.15 -16.37 4.44
C THR C 123 24.60 -17.01 5.72
N ALA C 124 24.65 -18.34 5.75
CA ALA C 124 24.06 -19.08 6.85
C ALA C 124 25.01 -19.18 8.04
N GLY C 125 26.30 -19.41 7.80
CA GLY C 125 27.25 -19.58 8.87
C GLY C 125 28.61 -19.02 8.51
N THR C 126 29.50 -19.04 9.50
CA THR C 126 30.86 -18.55 9.28
C THR C 126 31.61 -19.43 8.30
N ALA C 127 31.23 -20.70 8.22
CA ALA C 127 31.84 -21.61 7.26
C ALA C 127 31.61 -21.13 5.83
N ASP C 128 30.36 -20.87 5.47
CA ASP C 128 30.02 -20.25 4.18
C ASP C 128 30.80 -18.98 3.81
N GLN C 129 31.71 -18.50 4.65
CA GLN C 129 32.33 -17.21 4.34
C GLN C 129 33.23 -17.20 3.10
N PRO C 130 34.09 -18.22 2.88
CA PRO C 130 34.88 -18.24 1.63
C PRO C 130 34.09 -18.07 0.34
N VAL C 131 33.08 -18.92 0.08
CA VAL C 131 32.37 -18.75 -1.19
C VAL C 131 31.53 -17.48 -1.18
N ALA C 132 31.04 -17.07 -0.01
CA ALA C 132 30.36 -15.77 0.07
C ALA C 132 31.30 -14.65 -0.34
N GLU C 133 32.55 -14.71 0.13
CA GLU C 133 33.51 -13.68 -0.23
C GLU C 133 33.87 -13.75 -1.71
N GLU C 134 33.95 -14.97 -2.26
CA GLU C 134 34.17 -15.10 -3.70
C GLU C 134 33.05 -14.44 -4.49
N ALA C 135 31.81 -14.61 -4.05
CA ALA C 135 30.69 -13.95 -4.72
C ALA C 135 30.75 -12.43 -4.55
N ALA C 136 31.07 -11.96 -3.34
CA ALA C 136 31.08 -10.53 -3.05
C ALA C 136 32.22 -9.80 -3.76
N VAL C 137 33.38 -10.45 -3.88
CA VAL C 137 34.51 -9.80 -4.55
C VAL C 137 34.27 -9.70 -6.06
N THR C 138 33.71 -10.75 -6.67
CA THR C 138 33.42 -10.68 -8.09
C THR C 138 32.36 -9.63 -8.37
N ALA C 139 31.33 -9.56 -7.52
CA ALA C 139 30.24 -8.60 -7.75
C ALA C 139 30.77 -7.18 -7.67
N GLU C 140 31.67 -6.91 -6.73
CA GLU C 140 32.26 -5.58 -6.64
C GLU C 140 33.19 -5.32 -7.81
N THR C 141 33.92 -6.35 -8.26
CA THR C 141 34.78 -6.19 -9.44
C THR C 141 33.95 -5.94 -10.70
N PHE C 142 32.76 -6.50 -10.76
CA PHE C 142 31.86 -6.28 -11.89
C PHE C 142 31.07 -4.97 -11.76
N GLY C 143 31.37 -4.16 -10.75
CA GLY C 143 30.78 -2.84 -10.64
C GLY C 143 29.52 -2.77 -9.83
N ASN C 144 29.34 -3.65 -8.85
CA ASN C 144 28.14 -3.68 -8.03
C ASN C 144 28.45 -3.35 -6.58
N ARG C 145 27.65 -2.44 -6.01
CA ARG C 145 27.59 -2.28 -4.57
C ARG C 145 27.07 -3.56 -3.92
N VAL C 146 27.68 -3.93 -2.79
CA VAL C 146 27.38 -5.19 -2.13
C VAL C 146 27.22 -4.95 -0.63
N GLU C 147 26.17 -5.51 -0.04
CA GLU C 147 25.96 -5.51 1.39
C GLU C 147 26.09 -6.95 1.88
N ARG C 148 27.02 -7.18 2.81
CA ARG C 148 27.27 -8.51 3.35
C ARG C 148 26.38 -8.70 4.57
N VAL C 149 25.59 -9.75 4.56
CA VAL C 149 24.70 -10.11 5.67
C VAL C 149 25.10 -11.52 6.07
N TYR C 150 26.07 -11.63 6.98
CA TYR C 150 26.69 -12.90 7.30
C TYR C 150 26.14 -13.48 8.59
N ASP C 151 26.11 -14.81 8.65
CA ASP C 151 25.81 -15.59 9.85
C ASP C 151 24.39 -15.32 10.37
N VAL C 152 23.41 -15.63 9.53
CA VAL C 152 22.01 -15.44 9.93
C VAL C 152 21.25 -16.73 9.69
N GLY C 153 21.94 -17.85 9.87
CA GLY C 153 21.33 -19.14 9.60
C GLY C 153 20.12 -19.41 10.47
N VAL C 154 19.35 -20.41 10.05
CA VAL C 154 18.04 -20.68 10.63
C VAL C 154 18.13 -21.39 11.98
N ALA C 155 19.33 -21.77 12.41
CA ALA C 155 19.46 -22.30 13.77
C ALA C 155 19.15 -21.23 14.81
N GLY C 156 19.43 -19.95 14.50
CA GLY C 156 18.89 -18.84 15.26
C GLY C 156 18.35 -17.80 14.31
N ILE C 157 17.04 -17.71 14.20
CA ILE C 157 16.41 -17.02 13.07
C ILE C 157 16.12 -15.57 13.37
N HIS C 158 16.15 -15.16 14.64
CA HIS C 158 16.05 -13.74 14.97
C HIS C 158 17.14 -12.93 14.30
N ARG C 159 18.32 -13.51 14.09
CA ARG C 159 19.39 -12.79 13.43
C ARG C 159 19.01 -12.40 12.01
N LEU C 160 18.26 -13.27 11.32
CA LEU C 160 17.84 -12.96 9.95
C LEU C 160 16.75 -11.90 9.93
N PHE C 161 15.83 -11.93 10.89
CA PHE C 161 14.77 -10.91 10.89
C PHE C 161 15.33 -9.53 11.20
N ALA C 162 16.38 -9.46 12.01
CA ALA C 162 17.05 -8.19 12.26
C ALA C 162 17.56 -7.58 10.97
N LYS C 163 17.97 -8.42 10.02
CA LYS C 163 18.51 -7.96 8.75
C LYS C 163 17.51 -8.10 7.60
N LEU C 164 16.21 -8.16 7.91
CA LEU C 164 15.24 -8.37 6.83
C LEU C 164 15.05 -7.11 5.99
N ASP C 165 15.05 -5.93 6.61
CA ASP C 165 14.86 -4.72 5.80
C ASP C 165 16.02 -4.51 4.84
N VAL C 166 17.26 -4.78 5.29
CA VAL C 166 18.43 -4.61 4.44
C VAL C 166 18.36 -5.55 3.24
N ILE C 167 17.92 -6.79 3.48
CA ILE C 167 17.86 -7.79 2.43
C ILE C 167 16.78 -7.44 1.43
N ARG C 168 15.62 -6.98 1.92
CA ARG C 168 14.53 -6.60 1.03
C ARG C 168 14.87 -5.37 0.20
N GLY C 169 15.78 -4.53 0.69
CA GLY C 169 16.18 -3.37 -0.07
C GLY C 169 17.12 -3.68 -1.21
N ALA C 170 17.63 -4.90 -1.26
CA ALA C 170 18.53 -5.25 -2.34
C ALA C 170 17.77 -5.41 -3.64
N ARG C 171 18.50 -5.32 -4.74
CA ARG C 171 17.92 -5.57 -6.05
C ARG C 171 18.03 -7.03 -6.42
N VAL C 172 19.08 -7.70 -5.93
CA VAL C 172 19.24 -9.14 -6.06
C VAL C 172 19.79 -9.65 -4.74
N VAL C 173 19.40 -10.85 -4.36
CA VAL C 173 19.87 -11.47 -3.13
C VAL C 173 20.59 -12.75 -3.50
N ILE C 174 21.82 -12.89 -3.00
CA ILE C 174 22.57 -14.13 -3.14
C ILE C 174 22.57 -14.78 -1.77
N VAL C 175 22.05 -16.00 -1.69
CA VAL C 175 21.94 -16.76 -0.45
C VAL C 175 22.93 -17.90 -0.53
N ILE C 176 23.77 -18.03 0.50
CA ILE C 176 24.84 -19.01 0.52
C ILE C 176 24.69 -19.83 1.79
N ALA C 177 24.56 -21.14 1.63
CA ALA C 177 24.29 -22.01 2.77
C ALA C 177 24.78 -23.41 2.47
N GLY C 178 25.15 -24.12 3.53
CA GLY C 178 25.53 -25.50 3.42
C GLY C 178 24.62 -26.37 4.28
N MET C 179 25.17 -27.43 4.85
CA MET C 179 24.40 -28.37 5.66
C MET C 179 23.08 -28.54 4.92
N GLU C 180 21.96 -28.19 5.57
CA GLU C 180 20.67 -28.28 4.90
C GLU C 180 20.28 -27.23 3.87
N GLY C 181 20.91 -26.06 3.89
CA GLY C 181 20.54 -25.04 2.93
C GLY C 181 19.14 -24.48 3.10
N ALA C 182 18.55 -24.62 4.28
CA ALA C 182 17.19 -24.14 4.48
C ALA C 182 17.08 -22.63 4.47
N LEU C 183 18.20 -21.91 4.51
CA LEU C 183 18.09 -20.46 4.55
C LEU C 183 17.51 -19.92 3.25
N ALA C 184 17.81 -20.57 2.12
CA ALA C 184 17.26 -20.11 0.85
C ALA C 184 15.73 -20.19 0.84
N SER C 185 15.16 -21.27 1.37
CA SER C 185 13.71 -21.41 1.38
C SER C 185 13.06 -20.35 2.25
N VAL C 186 13.65 -20.06 3.41
CA VAL C 186 13.08 -19.03 4.28
C VAL C 186 13.19 -17.66 3.62
N VAL C 187 14.36 -17.34 3.08
CA VAL C 187 14.57 -16.04 2.45
C VAL C 187 13.69 -15.89 1.22
N GLY C 188 13.64 -16.93 0.38
CA GLY C 188 12.84 -16.85 -0.84
C GLY C 188 11.39 -16.51 -0.57
N GLY C 189 10.84 -17.03 0.53
CA GLY C 189 9.47 -16.73 0.86
C GLY C 189 9.24 -15.39 1.51
N LEU C 190 10.31 -14.70 1.91
CA LEU C 190 10.18 -13.44 2.62
C LEU C 190 10.51 -12.22 1.77
N VAL C 191 11.18 -12.39 0.64
CA VAL C 191 11.53 -11.27 -0.23
C VAL C 191 10.92 -11.51 -1.60
N ASP C 192 10.60 -10.42 -2.28
CA ASP C 192 10.01 -10.47 -3.61
C ASP C 192 10.94 -9.87 -4.65
N LYS C 193 12.21 -10.22 -4.55
CA LYS C 193 13.25 -9.86 -5.49
C LYS C 193 13.98 -11.14 -5.88
N PRO C 194 14.60 -11.16 -7.05
CA PRO C 194 15.31 -12.38 -7.48
C PRO C 194 16.31 -12.84 -6.43
N VAL C 195 16.25 -14.13 -6.10
CA VAL C 195 17.18 -14.76 -5.18
C VAL C 195 17.98 -15.80 -5.94
N ILE C 196 19.30 -15.74 -5.83
CA ILE C 196 20.20 -16.76 -6.37
C ILE C 196 20.83 -17.50 -5.21
N ALA C 197 20.66 -18.81 -5.18
CA ALA C 197 21.10 -19.64 -4.06
C ALA C 197 22.37 -20.39 -4.47
N VAL C 198 23.35 -20.38 -3.57
CA VAL C 198 24.61 -21.08 -3.77
C VAL C 198 24.70 -22.15 -2.69
N PRO C 199 24.74 -23.43 -3.03
CA PRO C 199 25.02 -24.45 -2.02
C PRO C 199 26.52 -24.58 -1.79
N THR C 200 26.90 -24.79 -0.54
CA THR C 200 28.31 -25.01 -0.20
C THR C 200 28.54 -26.43 0.28
N SER C 201 29.79 -26.86 0.13
CA SER C 201 30.27 -28.20 0.46
C SER C 201 30.93 -28.21 1.83
N VAL C 202 30.46 -27.36 2.75
CA VAL C 202 31.12 -27.24 4.04
C VAL C 202 30.54 -28.18 5.10
N GLY C 203 29.50 -28.95 4.76
CA GLY C 203 28.80 -29.79 5.71
C GLY C 203 29.61 -30.98 6.23
N TYR C 204 28.96 -31.75 7.09
CA TYR C 204 29.53 -32.94 7.71
C TYR C 204 28.61 -34.13 7.48
N GLY C 205 29.21 -35.31 7.37
CA GLY C 205 28.47 -36.56 7.23
C GLY C 205 27.67 -36.62 5.94
N THR C 206 26.35 -36.79 6.06
CA THR C 206 25.46 -36.93 4.89
C THR C 206 25.27 -35.63 4.10
N SER C 207 25.90 -34.50 4.44
CA SER C 207 25.88 -33.38 3.51
C SER C 207 26.31 -33.75 2.08
N PHE C 208 27.11 -34.82 1.93
CA PHE C 208 27.52 -35.34 0.62
C PHE C 208 28.20 -34.26 -0.23
N GLN C 209 29.09 -33.50 0.41
CA GLN C 209 29.86 -32.45 -0.26
C GLN C 209 28.94 -31.43 -0.93
N GLY C 210 27.86 -31.06 -0.24
CA GLY C 210 26.96 -30.03 -0.71
C GLY C 210 25.72 -30.51 -1.45
N MET C 211 25.56 -31.81 -1.68
CA MET C 211 24.41 -32.30 -2.41
C MET C 211 23.10 -31.96 -1.69
N THR C 212 23.06 -32.21 -0.38
CA THR C 212 21.82 -31.98 0.37
C THR C 212 21.37 -30.54 0.30
N ALA C 213 22.29 -29.59 0.46
CA ALA C 213 21.91 -28.18 0.37
C ALA C 213 21.43 -27.84 -1.03
N LEU C 214 22.10 -28.39 -2.05
CA LEU C 214 21.69 -28.14 -3.43
C LEU C 214 20.29 -28.68 -3.69
N LEU C 215 20.01 -29.91 -3.27
CA LEU C 215 18.68 -30.47 -3.47
C LEU C 215 17.64 -29.70 -2.65
N THR C 216 17.98 -29.35 -1.40
CA THR C 216 17.05 -28.57 -0.60
C THR C 216 16.70 -27.25 -1.27
N MET C 217 17.70 -26.57 -1.82
CA MET C 217 17.43 -25.29 -2.45
C MET C 217 16.64 -25.46 -3.75
N LEU C 218 16.90 -26.53 -4.50
CA LEU C 218 16.16 -26.75 -5.74
C LEU C 218 14.68 -26.97 -5.49
N ASN C 219 14.31 -27.48 -4.32
CA ASN C 219 12.93 -27.76 -3.98
C ASN C 219 12.20 -26.55 -3.40
N SER C 220 12.64 -25.34 -3.74
CA SER C 220 11.92 -24.13 -3.35
C SER C 220 12.09 -23.03 -4.40
N CYS C 221 12.34 -23.41 -5.66
CA CYS C 221 12.50 -22.41 -6.72
C CYS C 221 11.18 -21.72 -7.03
N ALA C 222 10.05 -22.38 -6.76
CA ALA C 222 8.75 -21.76 -6.99
C ALA C 222 8.55 -20.50 -6.15
N SER C 223 9.36 -20.32 -5.12
CA SER C 223 9.31 -19.10 -4.30
C SER C 223 10.17 -17.98 -4.87
N GLY C 224 10.52 -18.03 -6.16
CA GLY C 224 11.36 -17.00 -6.73
C GLY C 224 12.85 -17.26 -6.60
N ILE C 225 13.26 -18.52 -6.41
CA ILE C 225 14.64 -18.90 -6.20
C ILE C 225 15.20 -19.57 -7.45
N THR C 226 16.47 -19.28 -7.74
CA THR C 226 17.23 -19.98 -8.79
C THR C 226 18.58 -20.37 -8.20
N VAL C 227 19.18 -21.41 -8.76
CA VAL C 227 20.31 -22.08 -8.13
C VAL C 227 21.47 -22.18 -9.09
N VAL C 228 22.69 -22.15 -8.54
CA VAL C 228 23.92 -22.41 -9.28
C VAL C 228 24.60 -23.62 -8.66
N ASN C 229 25.74 -24.01 -9.22
CA ASN C 229 26.46 -25.21 -8.79
C ASN C 229 27.06 -25.01 -7.39
N ILE C 230 27.53 -26.12 -6.82
CA ILE C 230 28.08 -26.12 -5.46
C ILE C 230 29.34 -25.28 -5.40
N ASP C 231 29.42 -24.39 -4.40
CA ASP C 231 30.54 -23.50 -4.14
C ASP C 231 30.73 -22.45 -5.22
N ASN C 232 29.81 -22.33 -6.17
CA ASN C 232 29.97 -21.45 -7.33
C ASN C 232 29.55 -20.01 -7.00
N GLY C 233 30.28 -19.40 -6.07
CA GLY C 233 29.99 -18.02 -5.71
C GLY C 233 30.22 -17.04 -6.84
N PHE C 234 31.23 -17.31 -7.68
CA PHE C 234 31.46 -16.46 -8.85
C PHE C 234 30.24 -16.44 -9.77
N GLY C 235 29.73 -17.62 -10.13
CA GLY C 235 28.61 -17.69 -11.05
C GLY C 235 27.38 -16.96 -10.53
N ALA C 236 27.12 -17.06 -9.23
CA ALA C 236 26.00 -16.33 -8.65
C ALA C 236 26.17 -14.83 -8.86
N ALA C 237 27.35 -14.31 -8.55
CA ALA C 237 27.59 -12.88 -8.70
C ALA C 237 27.60 -12.47 -10.17
N TYR C 238 28.08 -13.35 -11.05
CA TYR C 238 28.03 -13.04 -12.47
C TYR C 238 26.59 -12.86 -12.93
N SER C 239 25.69 -13.76 -12.50
CA SER C 239 24.29 -13.62 -12.85
C SER C 239 23.64 -12.46 -12.10
N ALA C 240 23.96 -12.32 -10.81
CA ALA C 240 23.42 -11.19 -10.04
C ALA C 240 23.79 -9.86 -10.67
N SER C 241 25.04 -9.71 -11.10
CA SER C 241 25.49 -8.45 -11.67
C SER C 241 24.69 -8.09 -12.90
N MET C 242 24.43 -9.07 -13.77
CA MET C 242 23.64 -8.80 -14.96
C MET C 242 22.24 -8.33 -14.59
N VAL C 243 21.64 -8.93 -13.56
CA VAL C 243 20.30 -8.55 -13.17
C VAL C 243 20.28 -7.16 -12.57
N ASN C 244 21.28 -6.84 -11.75
CA ASN C 244 21.29 -5.56 -11.06
C ASN C 244 21.44 -4.41 -12.04
N GLN C 245 22.22 -4.60 -13.10
CA GLN C 245 22.61 -3.52 -14.01
C GLN C 245 21.82 -3.56 -15.32
N MET C 246 20.49 -3.59 -15.25
CA MET C 246 19.69 -3.57 -16.47
C MET C 246 19.03 -2.21 -16.66
N GLN D 43 -1.69 -9.08 1.19
CA GLN D 43 -1.76 -7.66 0.73
C GLN D 43 -0.42 -7.28 0.11
N ARG D 44 0.49 -8.25 -0.01
CA ARG D 44 1.82 -7.99 -0.58
C ARG D 44 1.66 -7.29 -1.94
N ARG D 45 2.07 -6.03 -2.03
CA ARG D 45 1.94 -5.24 -3.28
C ARG D 45 3.15 -5.51 -4.17
N ASN D 46 3.17 -6.66 -4.87
CA ASN D 46 4.29 -7.03 -5.76
C ASN D 46 3.76 -7.05 -7.19
N GLY D 47 2.44 -7.02 -7.33
CA GLY D 47 1.83 -7.02 -8.67
C GLY D 47 1.72 -8.43 -9.20
N PHE D 48 2.07 -9.42 -8.37
CA PHE D 48 2.04 -10.77 -8.91
C PHE D 48 0.62 -11.34 -8.84
N PRO D 49 0.14 -11.92 -9.94
CA PRO D 49 -1.12 -12.66 -9.88
C PRO D 49 -1.03 -13.80 -8.87
N GLU D 50 -2.19 -14.26 -8.42
CA GLU D 50 -2.25 -15.37 -7.47
C GLU D 50 -2.05 -16.69 -8.21
N VAL D 51 -1.33 -17.61 -7.59
CA VAL D 51 -0.97 -18.88 -8.21
C VAL D 51 -1.44 -20.04 -7.32
N ILE D 52 -2.12 -21.00 -7.92
CA ILE D 52 -2.59 -22.21 -7.24
C ILE D 52 -1.90 -23.41 -7.88
N TYR D 53 -1.31 -24.27 -7.06
CA TYR D 53 -0.72 -25.54 -7.51
C TYR D 53 -1.79 -26.63 -7.38
N GLY D 54 -2.37 -27.02 -8.50
CA GLY D 54 -3.50 -27.95 -8.54
C GLY D 54 -3.18 -29.43 -8.64
N ALA D 55 -1.93 -29.84 -8.44
CA ALA D 55 -1.58 -31.25 -8.62
C ALA D 55 -2.25 -32.13 -7.58
N GLY D 56 -2.23 -31.72 -6.31
CA GLY D 56 -2.78 -32.54 -5.25
C GLY D 56 -4.18 -32.15 -4.83
N LYS D 57 -4.61 -30.97 -5.23
CA LYS D 57 -5.93 -30.47 -4.86
C LYS D 57 -7.00 -31.05 -5.77
N THR D 58 -8.18 -31.29 -5.18
CA THR D 58 -9.32 -31.79 -5.93
C THR D 58 -10.00 -30.64 -6.66
N ALA D 59 -10.84 -31.01 -7.64
CA ALA D 59 -11.52 -30.00 -8.45
C ALA D 59 -12.45 -29.13 -7.60
N THR D 60 -12.99 -29.69 -6.52
CA THR D 60 -13.85 -28.89 -5.64
C THR D 60 -13.03 -27.89 -4.84
N GLN D 61 -11.88 -28.32 -4.30
CA GLN D 61 -11.06 -27.41 -3.50
C GLN D 61 -10.61 -26.21 -4.31
N ILE D 62 -10.21 -26.45 -5.57
CA ILE D 62 -9.71 -25.38 -6.42
C ILE D 62 -10.82 -24.38 -6.73
N VAL D 63 -12.02 -24.89 -7.06
CA VAL D 63 -13.14 -24.01 -7.36
C VAL D 63 -13.43 -23.10 -6.17
N GLY D 64 -13.32 -23.64 -4.95
CA GLY D 64 -13.58 -22.84 -3.77
C GLY D 64 -12.58 -21.70 -3.59
N ILE D 65 -11.31 -21.95 -3.88
CA ILE D 65 -10.29 -20.92 -3.70
C ILE D 65 -10.48 -19.78 -4.70
N VAL D 66 -10.85 -20.11 -5.94
CA VAL D 66 -10.95 -19.07 -6.97
C VAL D 66 -12.08 -18.11 -6.64
N GLN D 67 -13.23 -18.64 -6.20
CA GLN D 67 -14.36 -17.77 -5.87
C GLN D 67 -14.03 -16.82 -4.74
N ALA D 68 -13.18 -17.25 -3.81
CA ALA D 68 -12.75 -16.37 -2.72
C ALA D 68 -11.80 -15.29 -3.21
N LEU D 69 -10.96 -15.62 -4.19
CA LEU D 69 -9.98 -14.69 -4.74
C LEU D 69 -10.57 -13.81 -5.84
N SER D 70 -11.89 -13.87 -6.05
CA SER D 70 -12.52 -13.01 -7.06
C SER D 70 -12.67 -11.57 -6.59
N GLN D 71 -11.99 -11.23 -5.51
CA GLN D 71 -11.80 -9.86 -5.07
C GLN D 71 -10.58 -9.21 -5.70
N GLN D 72 -10.18 -9.72 -6.86
CA GLN D 72 -8.91 -9.43 -7.51
C GLN D 72 -9.09 -8.71 -8.83
N THR D 73 -8.25 -7.68 -9.04
CA THR D 73 -8.19 -6.99 -10.32
C THR D 73 -7.38 -7.80 -11.32
N LEU D 74 -6.31 -8.45 -10.84
CA LEU D 74 -5.36 -9.17 -11.68
C LEU D 74 -5.92 -10.54 -12.06
N PRO D 75 -5.25 -11.27 -12.96
CA PRO D 75 -5.69 -12.63 -13.29
C PRO D 75 -5.20 -13.63 -12.27
N ILE D 76 -5.79 -14.82 -12.32
CA ILE D 76 -5.45 -15.89 -11.39
C ILE D 76 -5.06 -17.12 -12.21
N LEU D 77 -3.86 -17.63 -11.96
CA LEU D 77 -3.25 -18.72 -12.70
C LEU D 77 -3.18 -19.97 -11.85
N THR D 78 -3.48 -21.12 -12.45
CA THR D 78 -3.41 -22.40 -11.78
C THR D 78 -2.58 -23.35 -12.61
N THR D 79 -1.56 -23.96 -12.01
CA THR D 79 -0.60 -24.77 -12.71
C THR D 79 -0.80 -26.24 -12.36
N ARG D 80 -0.21 -27.10 -13.19
CA ARG D 80 -0.26 -28.55 -13.02
C ARG D 80 -1.70 -29.05 -12.83
N LEU D 81 -2.56 -28.61 -13.73
CA LEU D 81 -3.98 -28.95 -13.71
C LEU D 81 -4.24 -29.99 -14.79
N SER D 82 -4.53 -31.22 -14.39
CA SER D 82 -4.78 -32.31 -15.33
C SER D 82 -6.01 -32.03 -16.17
N ALA D 83 -6.07 -32.68 -17.34
CA ALA D 83 -7.20 -32.49 -18.25
C ALA D 83 -8.48 -33.02 -17.63
N GLU D 84 -8.41 -34.13 -16.91
CA GLU D 84 -9.59 -34.63 -16.21
C GLU D 84 -10.02 -33.68 -15.11
N LYS D 85 -9.06 -33.16 -14.33
CA LYS D 85 -9.41 -32.23 -13.25
C LYS D 85 -10.02 -30.95 -13.81
N PHE D 86 -9.60 -30.52 -15.01
CA PHE D 86 -10.22 -29.33 -15.60
C PHE D 86 -11.60 -29.64 -16.15
N ALA D 87 -11.80 -30.85 -16.68
CA ALA D 87 -13.11 -31.22 -17.19
C ALA D 87 -14.18 -31.12 -16.11
N ALA D 88 -13.85 -31.58 -14.89
CA ALA D 88 -14.80 -31.51 -13.79
C ALA D 88 -15.02 -30.08 -13.32
N LEU D 89 -14.12 -29.16 -13.68
CA LEU D 89 -14.15 -27.78 -13.20
C LEU D 89 -14.75 -26.80 -14.20
N GLN D 90 -14.66 -27.12 -15.50
CA GLN D 90 -15.06 -26.14 -16.52
C GLN D 90 -16.53 -25.77 -16.44
N PRO D 91 -17.46 -26.68 -16.17
CA PRO D 91 -18.85 -26.27 -15.95
C PRO D 91 -19.04 -25.24 -14.85
N ALA D 92 -18.11 -25.13 -13.90
CA ALA D 92 -18.25 -24.20 -12.79
C ALA D 92 -17.66 -22.83 -13.09
N LEU D 93 -16.52 -22.78 -13.78
CA LEU D 93 -15.90 -21.52 -14.18
C LEU D 93 -15.98 -21.40 -15.69
N PRO D 94 -17.09 -20.88 -16.23
CA PRO D 94 -17.23 -20.81 -17.69
C PRO D 94 -16.37 -19.73 -18.32
N THR D 95 -15.84 -18.80 -17.53
CA THR D 95 -15.01 -17.71 -18.00
C THR D 95 -13.52 -18.05 -17.86
N ALA D 96 -13.19 -19.34 -17.82
CA ALA D 96 -11.83 -19.81 -17.60
C ALA D 96 -11.23 -20.33 -18.91
N VAL D 97 -9.92 -20.20 -19.03
CA VAL D 97 -9.18 -20.66 -20.20
C VAL D 97 -8.20 -21.74 -19.76
N TYR D 98 -8.25 -22.88 -20.43
CA TYR D 98 -7.34 -23.98 -20.19
C TYR D 98 -6.31 -24.01 -21.31
N HIS D 99 -5.06 -24.22 -20.93
CA HIS D 99 -3.94 -24.32 -21.87
C HIS D 99 -3.50 -25.78 -21.85
N ALA D 100 -4.00 -26.55 -22.82
CA ALA D 100 -3.87 -28.00 -22.81
C ALA D 100 -2.42 -28.44 -22.65
N THR D 101 -1.55 -27.98 -23.56
CA THR D 101 -0.15 -28.38 -23.49
C THR D 101 0.51 -27.97 -22.18
N ALA D 102 0.25 -26.74 -21.71
CA ALA D 102 0.87 -26.28 -20.48
C ALA D 102 0.23 -26.85 -19.23
N GLN D 103 -0.95 -27.46 -19.34
CA GLN D 103 -1.71 -27.92 -18.18
C GLN D 103 -1.92 -26.79 -17.17
N CYS D 104 -2.23 -25.61 -17.69
CA CYS D 104 -2.49 -24.42 -16.87
C CYS D 104 -3.89 -23.87 -17.18
N MET D 105 -4.42 -23.11 -16.23
CA MET D 105 -5.75 -22.53 -16.33
C MET D 105 -5.72 -21.11 -15.80
N THR D 106 -6.18 -20.16 -16.61
CA THR D 106 -6.24 -18.76 -16.23
C THR D 106 -7.68 -18.27 -16.19
N VAL D 107 -8.02 -17.49 -15.17
CA VAL D 107 -9.31 -16.81 -15.08
C VAL D 107 -9.04 -15.31 -15.00
N GLY D 108 -9.80 -14.54 -15.78
CA GLY D 108 -9.48 -13.14 -15.96
C GLY D 108 -8.71 -12.92 -17.25
N GLU D 109 -8.64 -11.65 -17.66
CA GLU D 109 -7.98 -11.31 -18.91
C GLU D 109 -6.50 -11.06 -18.61
N GLN D 110 -5.64 -11.75 -19.35
CA GLN D 110 -4.21 -11.67 -19.13
C GLN D 110 -3.74 -10.22 -19.25
N PRO D 111 -3.07 -9.68 -18.23
CA PRO D 111 -2.64 -8.28 -18.30
C PRO D 111 -1.76 -8.05 -19.52
N ALA D 112 -1.88 -6.86 -20.09
CA ALA D 112 -1.06 -6.55 -21.24
C ALA D 112 0.36 -6.24 -20.76
N PRO D 113 1.36 -6.42 -21.61
CA PRO D 113 2.75 -6.24 -21.16
C PRO D 113 2.97 -4.88 -20.53
N LYS D 114 3.51 -4.90 -19.31
CA LYS D 114 3.78 -3.69 -18.56
C LYS D 114 5.08 -3.04 -18.98
N THR D 115 5.95 -3.79 -19.65
CA THR D 115 7.31 -3.44 -20.01
C THR D 115 7.52 -3.68 -21.49
N PRO D 116 8.37 -2.88 -22.14
CA PRO D 116 8.64 -3.10 -23.57
C PRO D 116 9.30 -4.45 -23.86
N GLY D 117 10.46 -4.69 -23.23
CA GLY D 117 11.19 -5.94 -23.37
C GLY D 117 10.36 -7.20 -23.30
N TYR D 118 10.89 -8.29 -23.86
CA TYR D 118 10.25 -9.60 -23.85
C TYR D 118 11.16 -10.65 -23.22
N ILE D 119 10.54 -11.77 -22.85
CA ILE D 119 11.24 -12.98 -22.39
C ILE D 119 11.27 -13.99 -23.53
N ALA D 120 12.42 -14.63 -23.72
CA ALA D 120 12.56 -15.65 -24.75
C ALA D 120 12.50 -17.04 -24.11
N VAL D 121 11.66 -17.90 -24.65
CA VAL D 121 11.49 -19.26 -24.15
C VAL D 121 12.07 -20.20 -25.21
N VAL D 122 13.24 -20.76 -24.92
CA VAL D 122 14.03 -21.51 -25.89
C VAL D 122 14.00 -22.97 -25.49
N THR D 123 13.71 -23.85 -26.46
CA THR D 123 13.54 -25.25 -26.16
C THR D 123 14.40 -26.09 -27.11
N ALA D 124 14.82 -27.26 -26.61
CA ALA D 124 15.72 -28.10 -27.40
C ALA D 124 14.94 -29.01 -28.35
N GLY D 125 13.81 -29.58 -27.92
CA GLY D 125 13.07 -30.50 -28.74
C GLY D 125 11.57 -30.36 -28.52
N THR D 126 10.80 -31.08 -29.34
CA THR D 126 9.35 -30.98 -29.23
C THR D 126 8.85 -31.60 -27.92
N ALA D 127 9.53 -32.63 -27.42
CA ALA D 127 9.16 -33.23 -26.14
C ALA D 127 9.33 -32.30 -24.96
N ASP D 128 9.89 -31.10 -25.14
CA ASP D 128 10.01 -30.12 -24.08
C ASP D 128 8.89 -29.09 -24.11
N GLN D 129 7.95 -29.21 -25.04
CA GLN D 129 6.92 -28.17 -25.17
C GLN D 129 5.99 -28.06 -23.96
N PRO D 130 5.54 -29.14 -23.32
CA PRO D 130 4.73 -28.96 -22.09
C PRO D 130 5.38 -28.06 -21.05
N VAL D 131 6.61 -28.37 -20.62
CA VAL D 131 7.21 -27.56 -19.59
C VAL D 131 7.53 -26.17 -20.14
N ALA D 132 7.88 -26.09 -21.43
CA ALA D 132 8.11 -24.80 -22.06
C ALA D 132 6.85 -23.95 -22.05
N GLU D 133 5.71 -24.54 -22.40
CA GLU D 133 4.47 -23.78 -22.46
C GLU D 133 4.03 -23.33 -21.08
N GLU D 134 4.26 -24.17 -20.05
CA GLU D 134 3.97 -23.76 -18.69
C GLU D 134 4.74 -22.51 -18.33
N ALA D 135 6.01 -22.43 -18.74
CA ALA D 135 6.80 -21.23 -18.50
C ALA D 135 6.27 -20.05 -19.29
N ALA D 136 5.90 -20.28 -20.56
CA ALA D 136 5.46 -19.18 -21.43
C ALA D 136 4.11 -18.63 -20.97
N VAL D 137 3.23 -19.50 -20.49
CA VAL D 137 1.91 -19.03 -20.06
C VAL D 137 2.03 -18.20 -18.79
N THR D 138 2.90 -18.63 -17.87
CA THR D 138 3.09 -17.88 -16.63
C THR D 138 3.64 -16.49 -16.90
N ALA D 139 4.61 -16.38 -17.82
CA ALA D 139 5.22 -15.08 -18.10
C ALA D 139 4.21 -14.11 -18.69
N GLU D 140 3.34 -14.59 -19.58
CA GLU D 140 2.33 -13.71 -20.15
C GLU D 140 1.28 -13.37 -19.11
N THR D 141 0.95 -14.32 -18.23
CA THR D 141 0.02 -14.01 -17.15
C THR D 141 0.62 -12.99 -16.19
N PHE D 142 1.94 -13.02 -16.01
CA PHE D 142 2.62 -12.05 -15.16
C PHE D 142 2.91 -10.74 -15.88
N GLY D 143 2.45 -10.57 -17.11
CA GLY D 143 2.57 -9.30 -17.79
C GLY D 143 3.80 -9.14 -18.66
N ASN D 144 4.33 -10.23 -19.21
CA ASN D 144 5.53 -10.17 -20.04
C ASN D 144 5.21 -10.59 -21.47
N ARG D 145 5.84 -9.92 -22.44
CA ARG D 145 5.89 -10.45 -23.79
C ARG D 145 6.78 -11.69 -23.81
N VAL D 146 6.39 -12.68 -24.59
CA VAL D 146 7.12 -13.92 -24.71
C VAL D 146 7.37 -14.21 -26.18
N GLU D 147 8.60 -14.53 -26.53
CA GLU D 147 8.98 -14.98 -27.85
C GLU D 147 9.36 -16.45 -27.74
N ARG D 148 8.65 -17.30 -28.49
CA ARG D 148 8.87 -18.74 -28.44
C ARG D 148 9.89 -19.13 -29.51
N VAL D 149 10.96 -19.78 -29.08
CA VAL D 149 11.99 -20.29 -29.98
C VAL D 149 12.11 -21.78 -29.70
N TYR D 150 11.31 -22.58 -30.37
CA TYR D 150 11.22 -24.01 -30.06
C TYR D 150 12.01 -24.85 -31.05
N ASP D 151 12.52 -25.98 -30.56
CA ASP D 151 13.15 -27.02 -31.36
C ASP D 151 14.42 -26.50 -32.05
N VAL D 152 15.39 -26.11 -31.22
CA VAL D 152 16.66 -25.58 -31.71
C VAL D 152 17.84 -26.27 -31.04
N GLY D 153 17.67 -27.55 -30.70
CA GLY D 153 18.72 -28.28 -30.01
C GLY D 153 19.99 -28.40 -30.84
N VAL D 154 21.09 -28.74 -30.16
CA VAL D 154 22.40 -28.71 -30.80
C VAL D 154 22.66 -29.91 -31.69
N ALA D 155 21.75 -30.89 -31.74
CA ALA D 155 21.92 -31.97 -32.69
C ALA D 155 21.83 -31.45 -34.12
N GLY D 156 21.02 -30.41 -34.34
CA GLY D 156 21.08 -29.61 -35.55
C GLY D 156 21.09 -28.16 -35.13
N ILE D 157 22.24 -27.51 -35.21
CA ILE D 157 22.46 -26.24 -34.52
C ILE D 157 22.19 -25.03 -35.40
N HIS D 158 22.13 -25.21 -36.72
CA HIS D 158 21.76 -24.12 -37.60
C HIS D 158 20.41 -23.52 -37.23
N ARG D 159 19.50 -24.35 -36.72
CA ARG D 159 18.19 -23.84 -36.31
C ARG D 159 18.33 -22.81 -35.19
N LEU D 160 19.29 -23.01 -34.29
CA LEU D 160 19.49 -22.06 -33.21
C LEU D 160 20.09 -20.76 -33.71
N PHE D 161 21.03 -20.85 -34.67
CA PHE D 161 21.63 -19.62 -35.18
C PHE D 161 20.64 -18.83 -36.03
N ALA D 162 19.70 -19.51 -36.70
CA ALA D 162 18.71 -18.79 -37.49
C ALA D 162 17.90 -17.84 -36.61
N LYS D 163 17.56 -18.26 -35.39
CA LYS D 163 16.78 -17.46 -34.46
C LYS D 163 17.65 -16.86 -33.37
N LEU D 164 18.94 -16.66 -33.66
CA LEU D 164 19.87 -16.18 -32.66
C LEU D 164 19.62 -14.71 -32.30
N ASP D 165 19.24 -13.90 -33.29
CA ASP D 165 18.98 -12.49 -33.02
C ASP D 165 17.79 -12.31 -32.08
N VAL D 166 16.76 -13.15 -32.22
CA VAL D 166 15.62 -13.06 -31.31
C VAL D 166 16.06 -13.37 -29.88
N ILE D 167 16.95 -14.33 -29.71
CA ILE D 167 17.39 -14.68 -28.36
C ILE D 167 18.22 -13.57 -27.76
N ARG D 168 19.10 -12.96 -28.56
CA ARG D 168 19.93 -11.87 -28.07
C ARG D 168 19.12 -10.61 -27.79
N GLY D 169 17.98 -10.46 -28.44
CA GLY D 169 17.15 -9.29 -28.16
C GLY D 169 16.35 -9.35 -26.89
N ALA D 170 16.29 -10.50 -26.23
CA ALA D 170 15.52 -10.63 -25.01
C ALA D 170 16.24 -9.98 -23.83
N ARG D 171 15.47 -9.71 -22.77
CA ARG D 171 16.02 -9.25 -21.50
C ARG D 171 16.31 -10.42 -20.57
N VAL D 172 15.54 -11.50 -20.68
CA VAL D 172 15.76 -12.73 -19.95
C VAL D 172 15.56 -13.88 -20.93
N VAL D 173 16.36 -14.93 -20.79
CA VAL D 173 16.24 -16.10 -21.63
C VAL D 173 16.01 -17.30 -20.73
N ILE D 174 14.97 -18.07 -21.04
CA ILE D 174 14.67 -19.32 -20.37
C ILE D 174 15.02 -20.44 -21.35
N VAL D 175 15.90 -21.35 -20.94
CA VAL D 175 16.32 -22.47 -21.77
C VAL D 175 15.75 -23.74 -21.17
N ILE D 176 15.06 -24.54 -21.99
CA ILE D 176 14.35 -25.72 -21.55
C ILE D 176 14.83 -26.90 -22.38
N ALA D 177 15.34 -27.93 -21.70
CA ALA D 177 15.94 -29.06 -22.40
C ALA D 177 15.91 -30.28 -21.48
N GLY D 178 15.90 -31.46 -22.11
CA GLY D 178 15.94 -32.73 -21.40
C GLY D 178 17.15 -33.57 -21.77
N MET D 179 16.91 -34.70 -22.44
CA MET D 179 17.98 -35.60 -22.85
C MET D 179 19.20 -34.83 -23.38
N GLU D 180 18.95 -33.85 -24.24
CA GLU D 180 20.02 -33.01 -24.79
C GLU D 180 20.08 -31.66 -24.05
N GLY D 181 20.34 -31.72 -22.74
CA GLY D 181 20.35 -30.51 -21.95
C GLY D 181 21.60 -29.66 -22.10
N ALA D 182 22.38 -29.92 -23.15
CA ALA D 182 23.58 -29.17 -23.47
C ALA D 182 23.25 -27.82 -24.08
N LEU D 183 21.99 -27.59 -24.45
CA LEU D 183 21.62 -26.33 -25.11
C LEU D 183 21.84 -25.14 -24.19
N ALA D 184 21.68 -25.34 -22.87
CA ALA D 184 21.89 -24.25 -21.92
C ALA D 184 23.32 -23.73 -21.98
N SER D 185 24.31 -24.63 -22.08
CA SER D 185 25.69 -24.18 -22.16
C SER D 185 25.95 -23.41 -23.45
N VAL D 186 25.38 -23.88 -24.56
CA VAL D 186 25.57 -23.18 -25.82
C VAL D 186 24.90 -21.82 -25.79
N VAL D 187 23.68 -21.75 -25.27
CA VAL D 187 22.98 -20.47 -25.19
C VAL D 187 23.70 -19.52 -24.24
N GLY D 188 24.09 -20.02 -23.07
CA GLY D 188 24.75 -19.17 -22.09
C GLY D 188 26.00 -18.50 -22.62
N GLY D 189 26.76 -19.21 -23.47
CA GLY D 189 27.95 -18.64 -24.05
C GLY D 189 27.69 -17.71 -25.21
N LEU D 190 26.46 -17.65 -25.72
CA LEU D 190 26.15 -16.82 -26.87
C LEU D 190 25.42 -15.53 -26.55
N VAL D 191 24.80 -15.43 -25.37
CA VAL D 191 24.07 -14.22 -25.00
C VAL D 191 24.68 -13.68 -23.72
N ASP D 192 24.58 -12.36 -23.54
CA ASP D 192 25.08 -11.68 -22.35
C ASP D 192 23.95 -11.09 -21.52
N LYS D 193 22.89 -11.87 -21.36
CA LYS D 193 21.72 -11.56 -20.55
C LYS D 193 21.48 -12.75 -19.63
N PRO D 194 20.72 -12.56 -18.55
CA PRO D 194 20.42 -13.68 -17.65
C PRO D 194 19.78 -14.85 -18.37
N VAL D 195 20.30 -16.05 -18.11
CA VAL D 195 19.74 -17.29 -18.63
C VAL D 195 19.26 -18.14 -17.47
N ILE D 196 18.01 -18.58 -17.52
CA ILE D 196 17.47 -19.51 -16.54
C ILE D 196 17.19 -20.84 -17.24
N ALA D 197 17.80 -21.90 -16.74
CA ALA D 197 17.75 -23.20 -17.39
C ALA D 197 16.77 -24.09 -16.64
N VAL D 198 15.90 -24.77 -17.38
CA VAL D 198 14.89 -25.64 -16.82
C VAL D 198 15.18 -27.06 -17.31
N PRO D 199 15.52 -28.01 -16.45
CA PRO D 199 15.65 -29.39 -16.89
C PRO D 199 14.29 -30.06 -16.92
N THR D 200 14.08 -30.91 -17.92
CA THR D 200 12.84 -31.67 -18.06
C THR D 200 13.13 -33.15 -17.85
N SER D 201 12.10 -33.89 -17.44
CA SER D 201 12.23 -35.30 -17.13
C SER D 201 11.82 -36.20 -18.29
N VAL D 202 11.85 -35.70 -19.52
CA VAL D 202 11.48 -36.49 -20.68
C VAL D 202 12.75 -37.05 -21.31
N GLY D 203 13.01 -38.33 -21.06
CA GLY D 203 14.26 -38.91 -21.52
C GLY D 203 14.19 -40.42 -21.57
N TYR D 204 15.27 -41.00 -22.09
CA TYR D 204 15.40 -42.44 -22.20
C TYR D 204 16.73 -42.87 -21.63
N GLY D 205 16.74 -44.05 -21.00
CA GLY D 205 17.97 -44.61 -20.48
C GLY D 205 18.56 -43.73 -19.38
N THR D 206 19.80 -43.27 -19.61
CA THR D 206 20.57 -42.51 -18.63
C THR D 206 20.09 -41.08 -18.44
N SER D 207 18.99 -40.62 -19.05
CA SER D 207 18.45 -39.30 -18.71
C SER D 207 18.08 -39.19 -17.24
N PHE D 208 17.79 -40.33 -16.60
CA PHE D 208 17.52 -40.41 -15.17
C PHE D 208 16.39 -39.47 -14.74
N GLN D 209 15.34 -39.41 -15.55
CA GLN D 209 14.15 -38.62 -15.25
C GLN D 209 14.51 -37.15 -14.99
N GLY D 210 15.43 -36.63 -15.78
CA GLY D 210 15.84 -35.24 -15.73
C GLY D 210 17.05 -34.95 -14.88
N MET D 211 17.56 -35.93 -14.15
CA MET D 211 18.74 -35.70 -13.32
C MET D 211 19.94 -35.29 -14.17
N THR D 212 20.16 -36.01 -15.27
CA THR D 212 21.29 -35.71 -16.14
C THR D 212 21.22 -34.29 -16.70
N ALA D 213 20.03 -33.88 -17.15
CA ALA D 213 19.87 -32.52 -17.64
C ALA D 213 20.12 -31.50 -16.54
N LEU D 214 19.66 -31.81 -15.32
CA LEU D 214 19.87 -30.92 -14.19
C LEU D 214 21.36 -30.77 -13.89
N LEU D 215 22.08 -31.89 -13.82
CA LEU D 215 23.51 -31.82 -13.54
C LEU D 215 24.27 -31.12 -14.66
N THR D 216 23.89 -31.41 -15.92
CA THR D 216 24.55 -30.76 -17.05
C THR D 216 24.40 -29.24 -17.01
N MET D 217 23.20 -28.76 -16.71
CA MET D 217 22.98 -27.32 -16.70
C MET D 217 23.64 -26.68 -15.49
N LEU D 218 23.79 -27.42 -14.40
N LEU D 218 23.80 -27.45 -14.41
CA LEU D 218 24.47 -26.87 -13.24
CA LEU D 218 24.42 -26.95 -13.19
C LEU D 218 25.97 -26.73 -13.47
C LEU D 218 25.93 -26.81 -13.36
N ASN D 219 26.57 -27.72 -14.14
N ASN D 219 26.56 -27.74 -14.06
CA ASN D 219 28.00 -27.68 -14.44
CA ASN D 219 27.96 -27.57 -14.45
C ASN D 219 28.29 -27.09 -15.80
C ASN D 219 28.12 -26.66 -15.66
N SER D 220 27.51 -26.12 -16.24
N SER D 220 27.01 -26.21 -16.23
CA SER D 220 27.77 -25.45 -17.52
CA SER D 220 27.06 -25.29 -17.36
C SER D 220 29.07 -24.68 -17.46
C SER D 220 27.27 -23.84 -16.91
N CYS D 221 29.83 -24.72 -18.55
N CYS D 221 26.87 -23.50 -15.69
CA CYS D 221 31.07 -23.97 -18.64
CA CYS D 221 26.92 -22.10 -15.28
C CYS D 221 30.83 -22.48 -18.83
C CYS D 221 28.34 -21.69 -14.90
N ALA D 222 29.74 -22.12 -19.51
N ALA D 222 28.45 -20.75 -13.95
CA ALA D 222 29.44 -20.71 -19.73
CA ALA D 222 29.66 -19.94 -13.80
C ALA D 222 28.94 -20.07 -18.44
C ALA D 222 29.94 -19.20 -15.11
N SER D 223 29.36 -18.83 -18.21
N SER D 223 28.86 -18.78 -15.78
CA SER D 223 28.87 -18.06 -17.08
CA SER D 223 28.92 -18.04 -17.02
C SER D 223 27.48 -17.52 -17.38
C SER D 223 27.56 -17.44 -17.36
N GLY D 224 26.80 -17.07 -16.34
CA GLY D 224 25.53 -16.40 -16.52
C GLY D 224 24.31 -17.29 -16.65
N ILE D 225 24.42 -18.55 -16.26
CA ILE D 225 23.33 -19.49 -16.31
C ILE D 225 22.87 -19.74 -14.88
N THR D 226 21.56 -19.84 -14.71
CA THR D 226 21.00 -20.17 -13.41
C THR D 226 19.95 -21.26 -13.61
N VAL D 227 19.74 -22.09 -12.60
CA VAL D 227 18.98 -23.32 -12.76
C VAL D 227 17.81 -23.37 -11.77
N VAL D 228 16.72 -24.00 -12.21
CA VAL D 228 15.57 -24.29 -11.35
C VAL D 228 15.35 -25.79 -11.28
N ASN D 229 14.32 -26.19 -10.53
CA ASN D 229 14.03 -27.61 -10.30
C ASN D 229 13.55 -28.29 -11.59
N ILE D 230 13.56 -29.61 -11.58
CA ILE D 230 13.16 -30.38 -12.75
C ILE D 230 11.69 -30.13 -13.06
N ASP D 231 11.39 -29.86 -14.32
CA ASP D 231 10.06 -29.60 -14.86
C ASP D 231 9.46 -28.29 -14.36
N ASN D 232 10.20 -27.49 -13.57
CA ASN D 232 9.62 -26.32 -12.93
C ASN D 232 9.61 -25.11 -13.87
N GLY D 233 8.85 -25.23 -14.94
CA GLY D 233 8.72 -24.11 -15.87
C GLY D 233 8.09 -22.88 -15.25
N PHE D 234 7.13 -23.09 -14.33
CA PHE D 234 6.52 -21.96 -13.63
C PHE D 234 7.56 -21.16 -12.86
N GLY D 235 8.36 -21.83 -12.03
CA GLY D 235 9.32 -21.13 -11.19
C GLY D 235 10.31 -20.30 -11.99
N ALA D 236 10.82 -20.87 -13.09
CA ALA D 236 11.71 -20.11 -13.96
C ALA D 236 11.01 -18.85 -14.46
N ALA D 237 9.77 -18.98 -14.91
CA ALA D 237 9.05 -17.81 -15.42
C ALA D 237 8.81 -16.80 -14.31
N TYR D 238 8.57 -17.26 -13.10
CA TYR D 238 8.40 -16.35 -11.97
C TYR D 238 9.67 -15.53 -11.75
N SER D 239 10.84 -16.18 -11.77
CA SER D 239 12.09 -15.46 -11.60
C SER D 239 12.39 -14.59 -12.81
N ALA D 240 12.21 -15.13 -14.02
CA ALA D 240 12.42 -14.33 -15.22
C ALA D 240 11.55 -13.09 -15.19
N SER D 241 10.28 -13.24 -14.79
CA SER D 241 9.37 -12.10 -14.77
C SER D 241 9.87 -11.01 -13.82
N MET D 242 10.36 -11.40 -12.64
CA MET D 242 10.90 -10.40 -11.71
C MET D 242 12.07 -9.66 -12.35
N VAL D 243 12.91 -10.38 -13.10
CA VAL D 243 14.05 -9.75 -13.74
C VAL D 243 13.61 -8.86 -14.88
N ASN D 244 12.64 -9.32 -15.69
CA ASN D 244 12.23 -8.54 -16.86
C ASN D 244 11.60 -7.23 -16.45
N GLN D 245 10.82 -7.23 -15.37
CA GLN D 245 10.02 -6.08 -14.99
C GLN D 245 10.67 -5.36 -13.82
N MET D 246 11.94 -5.02 -13.99
CA MET D 246 12.72 -4.33 -12.98
C MET D 246 12.89 -2.88 -13.39
N ALA D 247 12.68 -1.98 -12.45
CA ALA D 247 12.76 -0.55 -12.71
C ALA D 247 14.22 -0.07 -12.77
N SER D 248 14.42 1.10 -13.37
CA SER D 248 15.75 1.70 -13.52
C SER D 248 16.15 2.37 -12.21
N TRP D 249 17.19 1.84 -11.57
CA TRP D 249 17.63 2.29 -10.25
C TRP D 249 18.01 3.76 -10.20
N ASN E 46 -46.70 -19.09 -12.30
CA ASN E 46 -47.86 -18.24 -12.05
C ASN E 46 -48.36 -18.50 -10.64
N GLY E 47 -49.68 -18.36 -10.44
CA GLY E 47 -50.27 -18.78 -9.18
C GLY E 47 -51.30 -17.85 -8.55
N PHE E 48 -51.78 -16.86 -9.30
CA PHE E 48 -52.77 -15.94 -8.74
C PHE E 48 -54.04 -15.93 -9.57
N PRO E 49 -55.20 -15.82 -8.95
CA PRO E 49 -56.45 -15.79 -9.71
C PRO E 49 -56.62 -14.47 -10.46
N GLU E 50 -57.47 -14.52 -11.49
CA GLU E 50 -57.72 -13.34 -12.32
C GLU E 50 -58.70 -12.39 -11.67
N VAL E 51 -58.41 -11.09 -11.79
CA VAL E 51 -59.20 -10.02 -11.20
C VAL E 51 -59.58 -9.04 -12.31
N ILE E 52 -60.85 -8.66 -12.36
CA ILE E 52 -61.34 -7.68 -13.34
C ILE E 52 -61.84 -6.46 -12.58
N TYR E 53 -61.37 -5.29 -12.98
CA TYR E 53 -61.86 -4.03 -12.42
C TYR E 53 -63.00 -3.53 -13.32
N GLY E 54 -64.23 -3.70 -12.85
CA GLY E 54 -65.40 -3.37 -13.63
C GLY E 54 -65.93 -1.96 -13.45
N ALA E 55 -65.18 -1.09 -12.77
CA ALA E 55 -65.65 0.27 -12.55
C ALA E 55 -65.69 1.07 -13.85
N GLY E 56 -64.65 0.98 -14.66
CA GLY E 56 -64.58 1.75 -15.88
C GLY E 56 -64.96 0.96 -17.12
N LYS E 57 -64.95 -0.37 -17.01
CA LYS E 57 -65.30 -1.22 -18.13
C LYS E 57 -66.82 -1.37 -18.24
N THR E 58 -67.31 -1.46 -19.47
CA THR E 58 -68.74 -1.62 -19.65
C THR E 58 -69.13 -3.08 -19.44
N ALA E 59 -70.43 -3.30 -19.20
CA ALA E 59 -70.93 -4.64 -18.96
C ALA E 59 -70.74 -5.55 -20.17
N THR E 60 -70.71 -4.99 -21.38
CA THR E 60 -70.49 -5.81 -22.56
C THR E 60 -69.04 -6.28 -22.67
N GLN E 61 -68.09 -5.37 -22.44
CA GLN E 61 -66.67 -5.75 -22.49
C GLN E 61 -66.35 -6.80 -21.44
N ILE E 62 -66.95 -6.67 -20.25
CA ILE E 62 -66.63 -7.59 -19.15
C ILE E 62 -67.00 -9.02 -19.50
N VAL E 63 -68.20 -9.23 -20.03
CA VAL E 63 -68.62 -10.58 -20.42
C VAL E 63 -67.67 -11.15 -21.46
N GLY E 64 -67.20 -10.30 -22.39
CA GLY E 64 -66.30 -10.78 -23.44
C GLY E 64 -64.97 -11.29 -22.92
N ILE E 65 -64.43 -10.64 -21.88
CA ILE E 65 -63.13 -11.05 -21.34
C ILE E 65 -63.23 -12.42 -20.69
N VAL E 66 -64.34 -12.69 -19.99
CA VAL E 66 -64.49 -13.93 -19.24
C VAL E 66 -64.63 -15.14 -20.16
N GLN E 67 -65.40 -14.99 -21.25
CA GLN E 67 -65.74 -16.14 -22.09
C GLN E 67 -64.52 -16.83 -22.70
N ALA E 68 -63.47 -16.09 -23.03
CA ALA E 68 -62.28 -16.72 -23.58
C ALA E 68 -61.47 -17.47 -22.53
N LEU E 69 -61.43 -16.94 -21.30
CA LEU E 69 -60.60 -17.45 -20.22
C LEU E 69 -61.26 -18.57 -19.41
N SER E 70 -62.40 -19.12 -19.85
CA SER E 70 -63.08 -20.18 -19.11
C SER E 70 -62.40 -21.54 -19.30
N GLN E 71 -61.11 -21.56 -19.00
CA GLN E 71 -60.35 -22.80 -18.94
C GLN E 71 -60.25 -23.30 -17.50
N GLN E 72 -59.19 -22.91 -16.81
CA GLN E 72 -58.90 -23.41 -15.47
C GLN E 72 -58.94 -22.28 -14.46
N LEU E 74 -59.97 -22.03 -11.10
CA LEU E 74 -61.34 -22.12 -10.61
C LEU E 74 -62.02 -20.80 -10.25
N PRO E 75 -61.51 -19.99 -9.31
CA PRO E 75 -62.22 -18.73 -9.00
C PRO E 75 -61.82 -17.57 -9.91
N ILE E 76 -62.77 -16.65 -10.06
CA ILE E 76 -62.60 -15.44 -10.84
C ILE E 76 -63.17 -14.28 -10.03
N LEU E 77 -62.38 -13.23 -9.83
CA LEU E 77 -62.79 -12.09 -9.01
C LEU E 77 -63.01 -10.85 -9.86
N THR E 78 -64.07 -10.11 -9.56
CA THR E 78 -64.37 -8.85 -10.22
C THR E 78 -64.60 -7.79 -9.15
N THR E 79 -63.82 -6.71 -9.21
CA THR E 79 -63.81 -5.71 -8.16
C THR E 79 -64.41 -4.40 -8.64
N ARG E 80 -64.83 -3.58 -7.67
CA ARG E 80 -65.39 -2.25 -7.91
C ARG E 80 -66.46 -2.30 -9.00
N LEU E 81 -67.37 -3.27 -8.87
CA LEU E 81 -68.44 -3.48 -9.84
C LEU E 81 -69.73 -2.95 -9.26
N SER E 82 -70.23 -1.86 -9.83
CA SER E 82 -71.44 -1.22 -9.34
C SER E 82 -72.63 -2.18 -9.44
N ALA E 83 -73.65 -1.90 -8.61
CA ALA E 83 -74.83 -2.76 -8.55
C ALA E 83 -75.63 -2.73 -9.86
N GLU E 84 -75.71 -1.56 -10.51
CA GLU E 84 -76.42 -1.49 -11.79
C GLU E 84 -75.72 -2.34 -12.83
N LYS E 85 -74.39 -2.30 -12.88
CA LYS E 85 -73.65 -3.11 -13.83
C LYS E 85 -73.89 -4.60 -13.59
N PHE E 86 -74.22 -4.98 -12.35
CA PHE E 86 -74.50 -6.37 -12.04
C PHE E 86 -75.85 -6.82 -12.60
N ALA E 87 -76.84 -5.91 -12.61
CA ALA E 87 -78.15 -6.25 -13.17
C ALA E 87 -78.04 -6.63 -14.64
N ALA E 88 -77.27 -5.87 -15.41
CA ALA E 88 -77.08 -6.19 -16.83
C ALA E 88 -76.24 -7.44 -17.02
N LEU E 89 -75.55 -7.89 -15.98
CA LEU E 89 -74.58 -8.99 -16.08
C LEU E 89 -75.13 -10.32 -15.60
N GLN E 90 -76.03 -10.27 -14.61
CA GLN E 90 -76.56 -11.51 -13.98
C GLN E 90 -77.02 -12.53 -15.04
N PRO E 91 -77.94 -12.24 -15.98
CA PRO E 91 -78.34 -13.25 -16.96
C PRO E 91 -77.13 -13.96 -17.59
N ALA E 92 -76.23 -13.19 -18.20
CA ALA E 92 -75.09 -13.81 -18.93
C ALA E 92 -74.19 -14.62 -17.99
N LEU E 93 -74.21 -14.34 -16.67
CA LEU E 93 -73.37 -15.19 -15.82
C LEU E 93 -74.20 -15.74 -14.67
N PRO E 94 -74.88 -16.89 -14.85
CA PRO E 94 -75.76 -17.38 -13.79
C PRO E 94 -75.05 -18.01 -12.60
N TYR E 98 -72.69 -11.98 -6.12
CA TYR E 98 -72.41 -10.57 -5.90
C TYR E 98 -72.49 -10.23 -4.41
N HIS E 99 -71.52 -9.44 -3.94
CA HIS E 99 -71.48 -8.95 -2.55
C HIS E 99 -71.75 -7.44 -2.57
N ALA E 100 -73.00 -7.08 -2.28
CA ALA E 100 -73.47 -5.71 -2.45
C ALA E 100 -72.58 -4.70 -1.74
N THR E 101 -72.38 -4.88 -0.43
CA THR E 101 -71.57 -3.94 0.34
C THR E 101 -70.15 -3.86 -0.21
N ALA E 102 -69.58 -5.01 -0.58
CA ALA E 102 -68.23 -5.02 -1.12
C ALA E 102 -68.16 -4.56 -2.57
N GLN E 103 -69.30 -4.55 -3.27
CA GLN E 103 -69.33 -4.30 -4.71
C GLN E 103 -68.36 -5.23 -5.44
N CYS E 104 -68.31 -6.48 -4.99
CA CYS E 104 -67.43 -7.50 -5.56
C CYS E 104 -68.27 -8.68 -6.01
N MET E 105 -67.71 -9.44 -6.95
CA MET E 105 -68.39 -10.57 -7.55
C MET E 105 -67.42 -11.71 -7.73
N THR E 106 -67.76 -12.88 -7.19
CA THR E 106 -66.96 -14.08 -7.35
C THR E 106 -67.74 -15.12 -8.15
N VAL E 107 -67.06 -15.74 -9.11
CA VAL E 107 -67.59 -16.85 -9.89
C VAL E 107 -66.65 -18.04 -9.74
N GLY E 108 -67.23 -19.21 -9.54
CA GLY E 108 -66.42 -20.35 -9.19
C GLY E 108 -66.45 -20.64 -7.70
N GLU E 109 -65.97 -21.83 -7.33
CA GLU E 109 -65.99 -22.27 -5.95
C GLU E 109 -64.71 -21.78 -5.30
N GLN E 110 -64.79 -20.61 -4.66
CA GLN E 110 -63.68 -20.06 -3.88
C GLN E 110 -63.18 -21.14 -2.95
N PRO E 111 -61.93 -21.57 -3.09
CA PRO E 111 -61.48 -22.73 -2.32
C PRO E 111 -61.55 -22.47 -0.82
N PRO E 113 -59.62 -22.24 2.98
CA PRO E 113 -58.32 -21.69 3.40
C PRO E 113 -57.23 -22.73 3.26
N LYS E 114 -56.19 -22.35 2.52
CA LYS E 114 -55.09 -23.26 2.20
C LYS E 114 -54.06 -23.36 3.31
N THR E 115 -54.02 -22.39 4.21
CA THR E 115 -52.97 -22.35 5.20
C THR E 115 -53.54 -22.17 6.60
N GLY E 117 -53.89 -20.19 8.83
CA GLY E 117 -53.83 -18.81 9.27
C GLY E 117 -54.93 -17.98 8.64
N TYR E 118 -55.34 -16.95 9.40
CA TYR E 118 -56.45 -16.07 8.97
C TYR E 118 -56.00 -14.61 9.06
N ILE E 119 -56.43 -13.78 8.10
CA ILE E 119 -56.02 -12.35 8.09
C ILE E 119 -57.18 -11.55 8.70
N ALA E 120 -56.88 -10.60 9.57
CA ALA E 120 -57.96 -9.86 10.26
C ALA E 120 -58.19 -8.52 9.56
N VAL E 121 -59.46 -8.12 9.47
CA VAL E 121 -59.82 -6.84 8.86
C VAL E 121 -60.48 -5.99 9.92
N VAL E 122 -59.77 -4.97 10.39
CA VAL E 122 -60.21 -4.12 11.49
C VAL E 122 -60.56 -2.76 10.92
N THR E 123 -61.74 -2.25 11.29
CA THR E 123 -62.27 -1.03 10.72
C THR E 123 -62.70 -0.08 11.83
N ALA E 124 -62.69 1.22 11.52
CA ALA E 124 -62.95 2.22 12.53
C ALA E 124 -64.46 2.46 12.73
N GLY E 125 -65.24 2.46 11.66
CA GLY E 125 -66.65 2.77 11.77
C GLY E 125 -67.50 1.97 10.80
N THR E 126 -68.82 2.14 10.94
CA THR E 126 -69.77 1.46 10.07
C THR E 126 -69.68 1.97 8.64
N ALA E 127 -69.26 3.22 8.46
CA ALA E 127 -69.09 3.77 7.12
C ALA E 127 -68.01 3.00 6.36
N ASP E 128 -66.81 2.92 6.92
CA ASP E 128 -65.72 2.11 6.37
C ASP E 128 -66.08 0.68 5.95
N GLN E 129 -67.32 0.24 6.16
CA GLN E 129 -67.68 -1.16 5.90
C GLN E 129 -67.63 -1.54 4.42
N PRO E 130 -68.14 -0.72 3.49
CA PRO E 130 -67.97 -1.06 2.06
C PRO E 130 -66.53 -1.34 1.67
N VAL E 131 -65.61 -0.42 1.96
CA VAL E 131 -64.22 -0.68 1.58
C VAL E 131 -63.64 -1.81 2.41
N ALA E 132 -64.08 -1.95 3.67
CA ALA E 132 -63.67 -3.09 4.48
C ALA E 132 -64.15 -4.40 3.87
N GLU E 133 -65.43 -4.44 3.46
CA GLU E 133 -65.97 -5.69 2.92
C GLU E 133 -65.32 -6.06 1.58
N GLU E 134 -64.96 -5.06 0.77
CA GLU E 134 -64.22 -5.33 -0.45
C GLU E 134 -62.91 -6.04 -0.14
N ALA E 135 -62.22 -5.61 0.92
CA ALA E 135 -60.98 -6.27 1.32
C ALA E 135 -61.24 -7.69 1.82
N ALA E 136 -62.30 -7.88 2.61
CA ALA E 136 -62.59 -9.19 3.16
C ALA E 136 -63.07 -10.16 2.08
N VAL E 137 -63.84 -9.67 1.11
CA VAL E 137 -64.34 -10.52 0.04
C VAL E 137 -63.21 -10.93 -0.90
N THR E 138 -62.27 -10.01 -1.13
CA THR E 138 -61.11 -10.35 -2.00
C THR E 138 -60.26 -11.39 -1.27
N ALA E 139 -60.11 -11.25 0.06
CA ALA E 139 -59.31 -12.19 0.82
C ALA E 139 -59.90 -13.59 0.76
N GLU E 140 -61.24 -13.69 0.76
CA GLU E 140 -61.88 -14.99 0.71
C GLU E 140 -61.64 -15.69 -0.63
N THR E 141 -61.63 -14.93 -1.73
CA THR E 141 -61.36 -15.51 -3.03
C THR E 141 -59.92 -16.02 -3.15
N PHE E 142 -58.97 -15.35 -2.49
CA PHE E 142 -57.58 -15.79 -2.55
C PHE E 142 -57.25 -16.90 -1.56
N GLY E 143 -58.23 -17.40 -0.83
CA GLY E 143 -58.05 -18.57 0.00
C GLY E 143 -57.63 -18.33 1.44
N ASN E 144 -57.94 -17.18 2.01
CA ASN E 144 -57.66 -16.89 3.40
C ASN E 144 -58.96 -16.60 4.14
N ARG E 145 -59.01 -16.96 5.42
CA ARG E 145 -60.16 -16.63 6.23
C ARG E 145 -60.09 -15.19 6.68
N VAL E 146 -61.23 -14.50 6.61
CA VAL E 146 -61.36 -13.11 7.03
C VAL E 146 -62.09 -13.08 8.36
N GLU E 147 -61.54 -12.33 9.31
CA GLU E 147 -62.19 -12.09 10.60
C GLU E 147 -62.64 -10.65 10.64
N ARG E 148 -63.94 -10.44 10.83
CA ARG E 148 -64.51 -9.10 10.79
C ARG E 148 -64.45 -8.47 12.17
N VAL E 149 -63.74 -7.36 12.28
CA VAL E 149 -63.67 -6.59 13.51
C VAL E 149 -64.07 -5.16 13.15
N TYR E 150 -65.37 -4.89 13.12
CA TYR E 150 -65.86 -3.63 12.62
C TYR E 150 -66.24 -2.69 13.77
N ASP E 151 -66.12 -1.39 13.52
CA ASP E 151 -66.59 -0.34 14.42
C ASP E 151 -65.84 -0.41 15.76
N VAL E 152 -64.52 -0.22 15.67
CA VAL E 152 -63.66 -0.21 16.85
C VAL E 152 -62.73 1.00 16.79
N GLY E 153 -63.27 2.13 16.34
CA GLY E 153 -62.46 3.36 16.18
C GLY E 153 -61.95 3.92 17.49
N VAL E 154 -61.00 4.87 17.41
CA VAL E 154 -60.35 5.40 18.65
C VAL E 154 -61.34 6.26 19.45
N ALA E 155 -62.35 6.83 18.79
CA ALA E 155 -63.38 7.63 19.50
C ALA E 155 -63.82 6.84 20.73
N GLY E 156 -64.03 5.53 20.57
CA GLY E 156 -64.34 4.70 21.71
C GLY E 156 -63.45 3.47 21.70
N ILE E 157 -62.52 3.41 22.66
CA ILE E 157 -61.44 2.43 22.58
C ILE E 157 -61.73 1.16 23.36
N HIS E 158 -62.71 1.18 24.27
CA HIS E 158 -63.13 -0.05 24.93
C HIS E 158 -63.62 -1.08 23.91
N ARG E 159 -64.27 -0.62 22.84
CA ARG E 159 -64.71 -1.54 21.79
C ARG E 159 -63.53 -2.22 21.12
N LEU E 160 -62.43 -1.49 20.92
CA LEU E 160 -61.24 -2.07 20.31
C LEU E 160 -60.51 -2.98 21.29
N PHE E 161 -60.47 -2.60 22.57
CA PHE E 161 -59.78 -3.40 23.58
C PHE E 161 -60.48 -4.72 23.85
N ALA E 162 -61.81 -4.76 23.69
CA ALA E 162 -62.55 -6.00 23.91
C ALA E 162 -62.08 -7.11 22.98
N LYS E 163 -61.77 -6.77 21.73
CA LYS E 163 -61.34 -7.74 20.72
C LYS E 163 -59.84 -7.71 20.48
N LEU E 164 -59.06 -7.25 21.47
CA LEU E 164 -57.62 -7.10 21.27
C LEU E 164 -56.91 -8.45 21.21
N ASP E 165 -57.35 -9.41 22.02
CA ASP E 165 -56.70 -10.71 22.02
C ASP E 165 -56.85 -11.41 20.68
N VAL E 166 -58.03 -11.30 20.07
CA VAL E 166 -58.24 -11.87 18.74
C VAL E 166 -57.36 -11.16 17.72
N ILE E 167 -57.22 -9.84 17.85
CA ILE E 167 -56.47 -9.07 16.86
C ILE E 167 -54.98 -9.40 16.92
N ARG E 168 -54.43 -9.56 18.12
CA ARG E 168 -53.00 -9.85 18.25
C ARG E 168 -52.62 -11.23 17.71
N GLY E 169 -53.58 -12.16 17.65
CA GLY E 169 -53.33 -13.49 17.13
C GLY E 169 -53.28 -13.64 15.62
N ALA E 170 -53.60 -12.58 14.87
CA ALA E 170 -53.61 -12.66 13.42
C ALA E 170 -52.19 -12.70 12.86
N ARG E 171 -52.08 -13.18 11.61
CA ARG E 171 -50.81 -13.18 10.90
C ARG E 171 -50.60 -11.91 10.06
N VAL E 172 -51.66 -11.32 9.52
CA VAL E 172 -51.61 -10.04 8.82
C VAL E 172 -52.83 -9.24 9.23
N VAL E 173 -52.67 -7.92 9.36
CA VAL E 173 -53.74 -7.03 9.76
C VAL E 173 -53.95 -5.98 8.68
N ILE E 174 -55.20 -5.83 8.25
CA ILE E 174 -55.61 -4.74 7.37
C ILE E 174 -56.44 -3.77 8.19
N VAL E 175 -56.02 -2.50 8.21
CA VAL E 175 -56.70 -1.46 8.97
C VAL E 175 -57.37 -0.50 7.99
N ILE E 176 -58.66 -0.23 8.19
CA ILE E 176 -59.43 0.61 7.30
C ILE E 176 -60.11 1.70 8.12
N ALA E 177 -59.82 2.96 7.81
CA ALA E 177 -60.38 4.07 8.56
C ALA E 177 -60.41 5.30 7.66
N GLY E 178 -61.43 6.13 7.84
CA GLY E 178 -61.53 7.36 7.07
C GLY E 178 -61.70 8.65 7.84
N MET E 179 -62.17 8.59 9.09
CA MET E 179 -62.41 9.81 9.83
C MET E 179 -61.21 10.66 10.28
N GLU E 180 -60.28 10.06 11.02
CA GLU E 180 -59.05 10.76 11.37
C GLU E 180 -57.93 9.77 11.03
N GLY E 181 -58.26 8.64 10.40
CA GLY E 181 -57.31 7.59 10.09
C GLY E 181 -56.36 7.20 11.21
N ALA E 182 -56.71 7.56 12.45
CA ALA E 182 -55.85 7.32 13.60
C ALA E 182 -55.82 5.85 14.03
N LEU E 183 -56.71 5.00 13.52
CA LEU E 183 -56.71 3.62 13.97
C LEU E 183 -55.46 2.88 13.54
N ALA E 184 -54.91 3.22 12.37
CA ALA E 184 -53.70 2.55 11.89
C ALA E 184 -52.53 2.78 12.83
N SER E 185 -52.37 4.01 13.32
CA SER E 185 -51.24 4.32 14.21
C SER E 185 -51.34 3.53 15.51
N VAL E 186 -52.54 3.41 16.07
CA VAL E 186 -52.73 2.70 17.36
C VAL E 186 -52.36 1.22 17.16
N VAL E 187 -52.90 0.60 16.12
CA VAL E 187 -52.68 -0.85 15.88
C VAL E 187 -51.19 -1.16 15.72
N GLY E 188 -50.51 -0.42 14.86
CA GLY E 188 -49.08 -0.70 14.63
C GLY E 188 -48.34 -0.70 15.93
N GLY E 189 -48.72 0.18 16.86
CA GLY E 189 -48.10 0.18 18.16
C GLY E 189 -48.53 -0.93 19.10
N LEU E 190 -49.59 -1.67 18.77
CA LEU E 190 -50.07 -2.74 19.64
C LEU E 190 -49.76 -4.14 19.13
N VAL E 191 -49.47 -4.30 17.85
CA VAL E 191 -49.17 -5.61 17.28
C VAL E 191 -47.79 -5.56 16.64
N ASP E 192 -47.14 -6.73 16.59
CA ASP E 192 -45.82 -6.89 15.99
C ASP E 192 -45.89 -7.80 14.76
N LYS E 193 -46.90 -7.59 13.93
CA LYS E 193 -47.08 -8.31 12.67
C LYS E 193 -47.27 -7.30 11.55
N PRO E 194 -46.99 -7.69 10.31
CA PRO E 194 -47.17 -6.74 9.19
C PRO E 194 -48.59 -6.19 9.16
N VAL E 195 -48.69 -4.87 9.11
CA VAL E 195 -49.97 -4.17 9.02
C VAL E 195 -50.00 -3.37 7.72
N ILE E 196 -51.07 -3.56 6.95
CA ILE E 196 -51.33 -2.77 5.74
C ILE E 196 -52.55 -1.92 6.03
N ALA E 197 -52.40 -0.60 5.86
CA ALA E 197 -53.42 0.37 6.23
C ALA E 197 -54.15 0.87 4.99
N VAL E 198 -55.48 0.93 5.07
CA VAL E 198 -56.32 1.36 3.96
C VAL E 198 -57.04 2.64 4.37
N PRO E 199 -56.78 3.77 3.70
CA PRO E 199 -57.60 4.96 3.93
C PRO E 199 -58.87 4.93 3.09
N THR E 200 -59.96 5.42 3.67
CA THR E 200 -61.25 5.49 2.99
C THR E 200 -61.62 6.95 2.77
N SER E 201 -62.49 7.19 1.78
CA SER E 201 -62.85 8.54 1.37
C SER E 201 -64.12 9.05 2.04
N VAL E 202 -64.47 8.51 3.19
CA VAL E 202 -65.65 8.96 3.91
C VAL E 202 -65.17 9.93 4.98
N GLY E 203 -66.09 10.77 5.47
CA GLY E 203 -65.74 11.82 6.40
C GLY E 203 -66.46 13.10 6.09
N TYR E 204 -66.25 14.08 6.98
CA TYR E 204 -66.86 15.39 6.87
C TYR E 204 -65.79 16.46 6.97
N GLY E 205 -66.00 17.55 6.26
CA GLY E 205 -65.12 18.71 6.33
C GLY E 205 -63.71 18.44 5.83
N THR E 206 -62.73 18.64 6.70
CA THR E 206 -61.30 18.58 6.36
C THR E 206 -60.78 17.13 6.12
N SER E 207 -61.61 16.08 6.04
CA SER E 207 -61.09 14.76 5.70
C SER E 207 -60.43 14.73 4.32
N PHE E 208 -60.79 15.66 3.41
CA PHE E 208 -60.19 15.77 2.08
C PHE E 208 -60.27 14.46 1.31
N GLN E 209 -61.41 13.77 1.43
CA GLN E 209 -61.66 12.52 0.71
C GLN E 209 -60.59 11.48 1.00
N GLY E 210 -60.15 11.41 2.25
CA GLY E 210 -59.19 10.40 2.66
C GLY E 210 -57.74 10.82 2.64
N MET E 211 -57.43 12.03 2.16
CA MET E 211 -56.04 12.47 2.09
C MET E 211 -55.42 12.57 3.47
N THR E 212 -56.12 13.21 4.41
CA THR E 212 -55.60 13.34 5.77
C THR E 212 -55.40 11.98 6.41
N ALA E 213 -56.38 11.08 6.24
CA ALA E 213 -56.24 9.73 6.79
C ALA E 213 -55.05 9.01 6.16
N LEU E 214 -54.83 9.24 4.87
CA LEU E 214 -53.67 8.64 4.22
C LEU E 214 -52.38 9.16 4.83
N LEU E 215 -52.28 10.47 5.00
CA LEU E 215 -51.09 11.07 5.62
C LEU E 215 -50.97 10.65 7.09
N THR E 216 -52.10 10.59 7.80
CA THR E 216 -52.08 10.15 9.19
C THR E 216 -51.53 8.73 9.31
N MET E 217 -51.92 7.86 8.38
CA MET E 217 -51.47 6.45 8.41
C MET E 217 -49.99 6.40 8.03
N LEU E 218 -49.61 7.24 7.09
CA LEU E 218 -48.23 7.24 6.62
C LEU E 218 -47.27 7.70 7.71
N ASN E 219 -47.70 8.65 8.55
CA ASN E 219 -46.89 9.16 9.66
C ASN E 219 -46.50 8.11 10.69
N SER E 220 -47.06 6.90 10.65
CA SER E 220 -46.68 5.83 11.57
C SER E 220 -46.09 4.59 10.91
N CYS E 221 -45.43 4.77 9.77
CA CYS E 221 -44.73 3.68 9.11
C CYS E 221 -43.39 3.37 9.77
N ALA E 222 -42.92 4.24 10.68
CA ALA E 222 -41.79 3.96 11.56
C ALA E 222 -42.13 2.93 12.62
N SER E 223 -43.35 2.37 12.60
CA SER E 223 -43.80 1.40 13.59
C SER E 223 -44.28 0.09 12.99
N GLY E 224 -43.82 -0.27 11.79
CA GLY E 224 -44.21 -1.52 11.18
C GLY E 224 -45.41 -1.46 10.27
N ILE E 225 -45.78 -0.28 9.79
CA ILE E 225 -46.96 -0.09 8.95
C ILE E 225 -46.52 0.13 7.52
N THR E 226 -47.29 -0.43 6.59
CA THR E 226 -47.14 -0.15 5.17
C THR E 226 -48.51 0.18 4.61
N VAL E 227 -48.55 1.03 3.58
CA VAL E 227 -49.78 1.70 3.20
C VAL E 227 -50.09 1.51 1.72
N VAL E 228 -51.38 1.47 1.39
CA VAL E 228 -51.86 1.47 0.01
C VAL E 228 -52.73 2.70 -0.24
N ASN E 229 -53.20 2.85 -1.48
CA ASN E 229 -53.94 4.03 -1.91
C ASN E 229 -55.32 4.10 -1.29
N ILE E 230 -55.95 5.26 -1.47
CA ILE E 230 -57.27 5.53 -0.91
C ILE E 230 -58.32 4.62 -1.54
N ASP E 231 -59.19 4.05 -0.70
CA ASP E 231 -60.29 3.16 -1.04
C ASP E 231 -59.82 1.83 -1.58
N ASN E 232 -58.52 1.56 -1.61
CA ASN E 232 -57.99 0.38 -2.28
C ASN E 232 -58.05 -0.84 -1.35
N GLY E 233 -59.27 -1.22 -1.00
CA GLY E 233 -59.44 -2.42 -0.20
C GLY E 233 -58.95 -3.68 -0.90
N PHE E 234 -59.13 -3.72 -2.22
CA PHE E 234 -58.59 -4.84 -3.00
C PHE E 234 -57.07 -4.93 -2.91
N GLY E 235 -56.38 -3.82 -3.20
CA GLY E 235 -54.93 -3.85 -3.25
C GLY E 235 -54.28 -4.31 -1.95
N ALA E 236 -54.81 -3.86 -0.82
CA ALA E 236 -54.32 -4.33 0.47
C ALA E 236 -54.48 -5.84 0.60
N ALA E 237 -55.64 -6.36 0.19
CA ALA E 237 -55.90 -7.79 0.30
C ALA E 237 -54.95 -8.62 -0.54
N TYR E 238 -54.52 -8.12 -1.70
CA TYR E 238 -53.56 -8.85 -2.50
C TYR E 238 -52.23 -9.01 -1.76
N SER E 239 -51.75 -7.92 -1.16
CA SER E 239 -50.50 -7.98 -0.40
C SER E 239 -50.66 -8.77 0.88
N ALA E 240 -51.76 -8.55 1.60
CA ALA E 240 -52.01 -9.29 2.84
C ALA E 240 -52.03 -10.80 2.58
N SER E 241 -52.69 -11.23 1.51
CA SER E 241 -52.77 -12.66 1.20
C SER E 241 -51.40 -13.25 0.91
N MET E 242 -50.54 -12.51 0.19
CA MET E 242 -49.22 -13.01 -0.17
C MET E 242 -48.37 -13.32 1.06
N VAL E 243 -48.49 -12.51 2.11
CA VAL E 243 -47.68 -12.72 3.30
C VAL E 243 -48.11 -13.98 4.03
N ASN E 244 -49.43 -14.25 4.07
CA ASN E 244 -49.94 -15.37 4.85
C ASN E 244 -49.43 -16.71 4.35
N GLN E 245 -49.18 -16.84 3.06
CA GLN E 245 -48.83 -18.13 2.46
C GLN E 245 -47.32 -18.25 2.22
N MET E 246 -46.54 -18.03 3.28
CA MET E 246 -45.10 -18.17 3.20
C MET E 246 -44.63 -19.45 3.90
N PRO F 49 -34.84 -6.48 17.52
CA PRO F 49 -33.82 -5.61 18.13
C PRO F 49 -34.35 -4.22 18.47
N GLU F 50 -33.68 -3.54 19.39
CA GLU F 50 -34.08 -2.20 19.83
C GLU F 50 -33.62 -1.15 18.82
N VAL F 51 -34.49 -0.16 18.60
CA VAL F 51 -34.25 0.90 17.62
C VAL F 51 -34.31 2.24 18.34
N ILE F 52 -33.33 3.11 18.08
CA ILE F 52 -33.28 4.46 18.63
C ILE F 52 -33.34 5.45 17.49
N TYR F 53 -34.25 6.43 17.60
CA TYR F 53 -34.36 7.50 16.62
C TYR F 53 -33.50 8.68 17.08
N GLY F 54 -32.35 8.87 16.44
CA GLY F 54 -31.37 9.85 16.82
C GLY F 54 -31.53 11.22 16.20
N ALA F 55 -32.65 11.49 15.53
CA ALA F 55 -32.84 12.80 14.90
C ALA F 55 -32.99 13.90 15.96
N GLY F 56 -33.80 13.65 16.98
CA GLY F 56 -34.07 14.64 17.99
C GLY F 56 -33.30 14.44 19.28
N LYS F 57 -32.73 13.24 19.46
CA LYS F 57 -31.99 12.93 20.67
C LYS F 57 -30.57 13.45 20.59
N THR F 58 -30.05 13.89 21.74
CA THR F 58 -28.69 14.39 21.78
C THR F 58 -27.70 13.23 21.87
N ALA F 59 -26.44 13.54 21.58
CA ALA F 59 -25.40 12.52 21.59
C ALA F 59 -25.20 11.91 22.97
N THR F 60 -25.44 12.68 24.03
CA THR F 60 -25.34 12.09 25.36
C THR F 60 -26.55 11.21 25.69
N GLN F 61 -27.76 11.67 25.31
CA GLN F 61 -28.95 10.87 25.56
C GLN F 61 -28.83 9.51 24.88
N ILE F 62 -28.24 9.47 23.67
CA ILE F 62 -28.07 8.21 22.95
C ILE F 62 -27.14 7.28 23.73
N VAL F 63 -26.02 7.81 24.20
CA VAL F 63 -25.07 7.01 24.98
C VAL F 63 -25.76 6.45 26.22
N GLY F 64 -26.62 7.25 26.86
CA GLY F 64 -27.31 6.78 28.05
C GLY F 64 -28.25 5.63 27.77
N ILE F 65 -28.97 5.69 26.65
CA ILE F 65 -29.91 4.62 26.31
C ILE F 65 -29.17 3.34 25.96
N VAL F 66 -28.03 3.44 25.25
CA VAL F 66 -27.30 2.24 24.85
C VAL F 66 -26.69 1.56 26.06
N GLN F 67 -26.08 2.34 26.96
CA GLN F 67 -25.44 1.75 28.13
C GLN F 67 -26.44 1.09 29.07
N ALA F 68 -27.66 1.62 29.15
CA ALA F 68 -28.67 1.01 30.01
C ALA F 68 -29.19 -0.30 29.45
N LEU F 69 -29.28 -0.41 28.14
CA LEU F 69 -29.80 -1.58 27.45
C LEU F 69 -28.74 -2.67 27.21
N SER F 70 -27.56 -2.54 27.82
CA SER F 70 -26.51 -3.54 27.60
C SER F 70 -26.76 -4.92 28.19
N GLN F 71 -27.87 -5.09 28.90
CA GLN F 71 -28.36 -6.41 29.28
C GLN F 71 -29.07 -7.21 28.18
N GLN F 72 -28.28 -7.62 27.18
CA GLN F 72 -28.87 -8.21 25.98
C GLN F 72 -27.84 -9.06 25.26
N THR F 73 -28.34 -9.88 24.32
CA THR F 73 -27.50 -10.69 23.44
C THR F 73 -27.76 -10.36 21.97
N LEU F 74 -28.40 -9.22 21.70
CA LEU F 74 -28.81 -8.80 20.38
C LEU F 74 -28.24 -7.43 20.06
N PRO F 75 -28.25 -7.02 18.80
CA PRO F 75 -27.76 -5.68 18.44
C PRO F 75 -28.80 -4.59 18.64
N ILE F 76 -28.32 -3.35 18.67
CA ILE F 76 -29.13 -2.16 18.87
C ILE F 76 -28.84 -1.19 17.73
N LEU F 77 -29.90 -0.72 17.08
CA LEU F 77 -29.80 0.13 15.90
C LEU F 77 -30.22 1.56 16.21
N THR F 78 -29.48 2.52 15.64
CA THR F 78 -29.74 3.95 15.79
C THR F 78 -29.78 4.57 14.41
N THR F 79 -30.87 5.26 14.10
CA THR F 79 -31.11 5.77 12.75
C THR F 79 -31.00 7.30 12.71
N ARG F 80 -30.84 7.81 11.48
CA ARG F 80 -30.81 9.24 11.19
C ARG F 80 -29.84 10.01 12.10
N LEU F 81 -28.62 9.48 12.22
CA LEU F 81 -27.60 10.07 13.07
C LEU F 81 -26.58 10.78 12.18
N SER F 82 -26.53 12.11 12.29
CA SER F 82 -25.62 12.90 11.45
C SER F 82 -24.17 12.50 11.73
N ALA F 83 -23.31 12.80 10.75
CA ALA F 83 -21.90 12.43 10.85
C ALA F 83 -21.21 13.17 11.99
N GLU F 84 -21.56 14.44 12.20
CA GLU F 84 -20.99 15.18 13.33
C GLU F 84 -21.45 14.57 14.65
N LYS F 85 -22.73 14.20 14.75
CA LYS F 85 -23.25 13.59 15.97
C LYS F 85 -22.56 12.28 16.30
N PHE F 86 -22.05 11.57 15.28
CA PHE F 86 -21.34 10.32 15.55
C PHE F 86 -19.99 10.57 16.19
N ALA F 87 -19.33 11.67 15.83
CA ALA F 87 -18.05 12.01 16.45
C ALA F 87 -18.19 12.17 17.96
N ALA F 88 -19.29 12.78 18.42
CA ALA F 88 -19.50 12.98 19.84
C ALA F 88 -19.74 11.68 20.59
N LEU F 89 -20.05 10.59 19.90
CA LEU F 89 -20.43 9.32 20.52
C LEU F 89 -19.30 8.30 20.58
N GLN F 90 -18.37 8.34 19.62
CA GLN F 90 -17.42 7.24 19.48
C GLN F 90 -16.48 7.09 20.67
N PRO F 91 -15.98 8.15 21.32
CA PRO F 91 -15.25 7.93 22.57
C PRO F 91 -16.07 7.21 23.63
N ALA F 92 -17.40 7.28 23.57
CA ALA F 92 -18.25 6.62 24.55
C ALA F 92 -18.65 5.22 24.10
N LEU F 93 -18.91 5.04 22.80
CA LEU F 93 -19.23 3.72 22.28
C LEU F 93 -18.12 3.25 21.34
N PRO F 94 -17.05 2.65 21.86
CA PRO F 94 -15.94 2.24 20.98
C PRO F 94 -16.25 1.00 20.15
N THR F 95 -17.28 0.24 20.51
CA THR F 95 -17.66 -0.97 19.80
C THR F 95 -18.79 -0.74 18.80
N VAL F 97 -20.31 0.80 15.03
CA VAL F 97 -19.96 0.99 13.64
C VAL F 97 -20.93 1.99 13.03
N TYR F 98 -20.39 3.02 12.38
CA TYR F 98 -21.19 4.04 11.72
C TYR F 98 -21.20 3.82 10.21
N HIS F 99 -22.37 3.99 9.62
CA HIS F 99 -22.56 3.86 8.18
C HIS F 99 -22.85 5.28 7.66
N ALA F 100 -21.81 5.92 7.14
CA ALA F 100 -21.84 7.35 6.84
C ALA F 100 -23.04 7.74 5.97
N THR F 101 -23.13 7.14 4.78
CA THR F 101 -24.21 7.49 3.86
C THR F 101 -25.58 7.19 4.45
N ALA F 102 -25.71 6.05 5.14
CA ALA F 102 -26.99 5.67 5.71
C ALA F 102 -27.36 6.45 6.95
N GLN F 103 -26.40 7.15 7.56
CA GLN F 103 -26.61 7.86 8.83
C GLN F 103 -27.20 6.93 9.89
N CYS F 104 -26.71 5.69 9.93
CA CYS F 104 -27.17 4.71 10.89
C CYS F 104 -25.99 4.20 11.71
N MET F 105 -26.28 3.71 12.91
CA MET F 105 -25.24 3.26 13.83
C MET F 105 -25.70 2.01 14.55
N THR F 106 -24.90 0.94 14.46
CA THR F 106 -25.14 -0.29 15.19
C THR F 106 -23.99 -0.54 16.16
N VAL F 107 -24.33 -0.97 17.37
CA VAL F 107 -23.35 -1.37 18.38
C VAL F 107 -23.59 -2.83 18.72
N GLY F 108 -22.51 -3.60 18.81
CA GLY F 108 -22.62 -5.03 18.90
C GLY F 108 -22.36 -5.71 17.57
N GLU F 109 -22.14 -7.01 17.63
CA GLU F 109 -21.79 -7.77 16.45
C GLU F 109 -23.04 -8.26 15.74
N GLN F 110 -22.84 -8.91 14.60
CA GLN F 110 -23.95 -9.32 13.75
C GLN F 110 -24.09 -10.83 13.79
N PRO F 111 -25.17 -11.38 14.36
CA PRO F 111 -25.43 -12.81 14.19
C PRO F 111 -25.56 -13.15 12.71
N ALA F 112 -25.84 -14.40 12.44
CA ALA F 112 -25.91 -14.78 11.04
C ALA F 112 -27.34 -14.76 10.53
N PRO F 113 -27.54 -14.63 9.22
CA PRO F 113 -28.89 -14.62 8.66
C PRO F 113 -29.69 -15.83 9.14
N LYS F 114 -30.89 -15.57 9.64
CA LYS F 114 -31.71 -16.62 10.25
C LYS F 114 -32.48 -17.47 9.24
N THR F 115 -32.69 -16.99 8.05
CA THR F 115 -33.56 -17.64 7.10
C THR F 115 -32.87 -17.72 5.75
N PRO F 116 -33.12 -18.79 4.92
CA PRO F 116 -32.45 -18.81 3.61
C PRO F 116 -32.86 -17.69 2.66
N GLY F 117 -34.14 -17.50 2.37
CA GLY F 117 -34.58 -16.42 1.53
C GLY F 117 -33.94 -15.08 1.86
N TYR F 118 -33.89 -14.18 0.88
CA TYR F 118 -33.25 -12.89 1.04
C TYR F 118 -34.25 -11.76 0.77
N ILE F 119 -33.88 -10.57 1.23
CA ILE F 119 -34.63 -9.34 0.94
C ILE F 119 -33.86 -8.55 -0.11
N ALA F 120 -34.58 -8.07 -1.12
CA ALA F 120 -33.99 -7.27 -2.19
C ALA F 120 -34.28 -5.80 -1.98
N VAL F 121 -33.24 -4.97 -2.06
CA VAL F 121 -33.36 -3.52 -1.94
C VAL F 121 -33.02 -2.93 -3.31
N VAL F 122 -34.02 -2.42 -4.02
CA VAL F 122 -33.86 -1.95 -5.39
C VAL F 122 -33.98 -0.43 -5.39
N THR F 123 -33.02 0.25 -6.01
CA THR F 123 -32.92 1.71 -6.00
C THR F 123 -32.72 2.24 -7.41
N ALA F 124 -33.15 3.49 -7.62
CA ALA F 124 -33.19 4.11 -8.94
C ALA F 124 -31.90 4.79 -9.39
N GLY F 125 -31.20 5.52 -8.53
CA GLY F 125 -30.10 6.33 -9.03
C GLY F 125 -28.93 6.45 -8.07
N THR F 126 -27.89 7.17 -8.54
CA THR F 126 -26.75 7.42 -7.66
C THR F 126 -27.16 8.30 -6.49
N ALA F 127 -28.08 9.24 -6.72
CA ALA F 127 -28.70 9.94 -5.62
C ALA F 127 -29.58 8.94 -4.87
N ASP F 128 -30.19 9.39 -3.78
CA ASP F 128 -31.09 8.53 -3.01
C ASP F 128 -30.35 7.32 -2.45
N GLN F 129 -29.04 7.26 -2.69
CA GLN F 129 -28.15 6.20 -2.21
C GLN F 129 -28.11 6.28 -0.69
N PRO F 130 -28.03 7.48 -0.09
CA PRO F 130 -28.16 7.55 1.38
C PRO F 130 -29.41 6.83 1.88
N VAL F 131 -30.57 7.12 1.30
CA VAL F 131 -31.81 6.48 1.72
C VAL F 131 -31.78 4.99 1.37
N ALA F 132 -31.05 4.63 0.31
CA ALA F 132 -30.91 3.22 -0.06
C ALA F 132 -30.23 2.41 1.04
N GLU F 133 -29.13 2.93 1.59
CA GLU F 133 -28.38 2.17 2.58
C GLU F 133 -29.11 2.04 3.91
N GLU F 134 -29.90 3.04 4.31
CA GLU F 134 -30.66 2.93 5.53
C GLU F 134 -31.59 1.72 5.50
N ALA F 135 -32.25 1.48 4.36
CA ALA F 135 -33.13 0.32 4.24
C ALA F 135 -32.33 -0.99 4.27
N ALA F 136 -31.19 -1.03 3.57
CA ALA F 136 -30.42 -2.27 3.52
C ALA F 136 -29.75 -2.58 4.86
N VAL F 137 -29.31 -1.54 5.57
CA VAL F 137 -28.62 -1.77 6.85
C VAL F 137 -29.60 -2.25 7.92
N THR F 138 -30.81 -1.69 7.96
CA THR F 138 -31.79 -2.15 8.94
C THR F 138 -32.15 -3.60 8.74
N ALA F 139 -32.30 -4.05 7.49
CA ALA F 139 -32.65 -5.44 7.24
C ALA F 139 -31.55 -6.37 7.72
N GLU F 140 -30.28 -5.97 7.54
CA GLU F 140 -29.17 -6.81 7.98
C GLU F 140 -29.08 -6.87 9.49
N THR F 141 -29.36 -5.75 10.17
CA THR F 141 -29.35 -5.75 11.64
C THR F 141 -30.49 -6.61 12.19
N PHE F 142 -31.61 -6.70 11.47
CA PHE F 142 -32.72 -7.53 11.91
C PHE F 142 -32.56 -9.00 11.55
N GLY F 143 -31.41 -9.40 11.01
CA GLY F 143 -31.13 -10.81 10.81
C GLY F 143 -31.49 -11.36 9.46
N ASN F 144 -31.45 -10.55 8.41
CA ASN F 144 -31.79 -11.00 7.07
C ASN F 144 -30.58 -10.94 6.15
N ARG F 145 -30.63 -11.74 5.09
CA ARG F 145 -29.70 -11.59 3.99
C ARG F 145 -30.21 -10.51 3.04
N VAL F 146 -29.31 -10.01 2.20
CA VAL F 146 -29.65 -8.88 1.34
C VAL F 146 -28.78 -8.93 0.09
N GLU F 147 -29.42 -8.78 -1.07
CA GLU F 147 -28.74 -8.62 -2.35
C GLU F 147 -28.97 -7.19 -2.80
N ARG F 148 -27.89 -6.45 -3.00
CA ARG F 148 -27.96 -5.02 -3.32
C ARG F 148 -28.06 -4.85 -4.83
N VAL F 149 -29.12 -4.20 -5.28
CA VAL F 149 -29.34 -3.91 -6.70
C VAL F 149 -29.55 -2.40 -6.82
N TYR F 150 -28.46 -1.66 -6.94
CA TYR F 150 -28.50 -0.20 -6.92
C TYR F 150 -28.37 0.36 -8.34
N ASP F 151 -28.99 1.52 -8.56
CA ASP F 151 -28.79 2.31 -9.78
C ASP F 151 -29.28 1.56 -11.02
N VAL F 152 -30.59 1.30 -11.05
CA VAL F 152 -31.20 0.59 -12.18
C VAL F 152 -32.45 1.30 -12.70
N GLY F 153 -32.45 2.63 -12.69
CA GLY F 153 -33.61 3.39 -13.12
C GLY F 153 -33.99 3.13 -14.57
N VAL F 154 -35.22 3.54 -14.91
CA VAL F 154 -35.82 3.23 -16.21
C VAL F 154 -35.30 4.10 -17.35
N ALA F 155 -34.43 5.07 -17.07
CA ALA F 155 -33.80 5.79 -18.17
C ALA F 155 -32.95 4.85 -19.01
N GLY F 156 -32.41 3.80 -18.39
CA GLY F 156 -31.82 2.67 -19.09
C GLY F 156 -32.33 1.37 -18.52
N ILE F 157 -33.14 0.63 -19.29
CA ILE F 157 -33.89 -0.49 -18.75
C ILE F 157 -33.15 -1.81 -18.93
N HIS F 158 -32.14 -1.86 -19.80
CA HIS F 158 -31.29 -3.04 -19.91
C HIS F 158 -30.65 -3.40 -18.58
N ARG F 159 -30.33 -2.40 -17.76
CA ARG F 159 -29.73 -2.66 -16.45
C ARG F 159 -30.68 -3.44 -15.55
N LEU F 160 -31.99 -3.16 -15.64
CA LEU F 160 -32.94 -3.86 -14.80
C LEU F 160 -33.12 -5.31 -15.25
N PHE F 161 -33.12 -5.55 -16.56
CA PHE F 161 -33.30 -6.91 -17.06
C PHE F 161 -32.09 -7.78 -16.76
N ALA F 162 -30.89 -7.19 -16.72
CA ALA F 162 -29.69 -7.97 -16.41
C ALA F 162 -29.75 -8.60 -15.02
N LYS F 163 -30.28 -7.87 -14.04
CA LYS F 163 -30.31 -8.34 -12.66
C LYS F 163 -31.70 -8.80 -12.21
N LEU F 164 -32.56 -9.19 -13.15
CA LEU F 164 -33.94 -9.53 -12.79
C LEU F 164 -34.02 -10.89 -12.09
N ASP F 165 -33.21 -11.85 -12.51
CA ASP F 165 -33.29 -13.20 -11.94
C ASP F 165 -32.93 -13.23 -10.45
N VAL F 166 -31.97 -12.40 -10.04
CA VAL F 166 -31.60 -12.33 -8.62
C VAL F 166 -32.78 -11.87 -7.78
N ILE F 167 -33.58 -10.95 -8.32
CA ILE F 167 -34.70 -10.38 -7.56
C ILE F 167 -35.78 -11.43 -7.30
N ARG F 168 -36.06 -12.28 -8.29
CA ARG F 168 -37.12 -13.27 -8.13
C ARG F 168 -36.81 -14.29 -7.04
N GLY F 169 -35.55 -14.51 -6.73
CA GLY F 169 -35.22 -15.42 -5.64
C GLY F 169 -35.44 -14.83 -4.26
N ALA F 170 -35.69 -13.52 -4.19
CA ALA F 170 -35.96 -12.89 -2.91
C ALA F 170 -37.38 -13.20 -2.45
N ARG F 171 -37.60 -13.04 -1.15
CA ARG F 171 -38.94 -13.18 -0.59
C ARG F 171 -39.68 -11.86 -0.48
N VAL F 172 -38.97 -10.74 -0.27
CA VAL F 172 -39.57 -9.42 -0.23
C VAL F 172 -38.66 -8.45 -0.98
N VAL F 173 -39.29 -7.47 -1.65
CA VAL F 173 -38.58 -6.45 -2.41
C VAL F 173 -38.96 -5.07 -1.87
N ILE F 174 -37.95 -4.25 -1.56
CA ILE F 174 -38.14 -2.85 -1.19
C ILE F 174 -37.69 -2.00 -2.36
N VAL F 175 -38.57 -1.10 -2.81
CA VAL F 175 -38.32 -0.24 -3.96
C VAL F 175 -38.10 1.19 -3.49
N ILE F 176 -37.02 1.81 -3.96
CA ILE F 176 -36.58 3.12 -3.54
C ILE F 176 -36.42 3.99 -4.78
N ALA F 177 -37.10 5.13 -4.82
CA ALA F 177 -37.06 5.96 -6.02
C ALA F 177 -37.32 7.42 -5.67
N GLY F 178 -36.71 8.30 -6.48
CA GLY F 178 -36.86 9.73 -6.39
C GLY F 178 -37.32 10.36 -7.69
N MET F 179 -36.44 11.15 -8.31
CA MET F 179 -36.68 11.84 -9.58
C MET F 179 -37.71 11.16 -10.45
N GLU F 180 -37.32 10.09 -11.14
CA GLU F 180 -38.24 9.31 -11.97
C GLU F 180 -38.71 8.12 -11.16
N GLY F 181 -39.66 8.38 -10.25
CA GLY F 181 -40.15 7.37 -9.34
C GLY F 181 -41.08 6.35 -9.95
N ALA F 182 -41.06 6.22 -11.28
CA ALA F 182 -41.90 5.25 -11.98
C ALA F 182 -41.38 3.83 -11.83
N LEU F 183 -40.21 3.64 -11.22
CA LEU F 183 -39.62 2.31 -11.10
C LEU F 183 -40.48 1.37 -10.26
N ALA F 184 -41.16 1.89 -9.25
CA ALA F 184 -41.98 1.05 -8.39
C ALA F 184 -43.11 0.38 -9.17
N SER F 185 -43.73 1.14 -10.08
CA SER F 185 -44.87 0.60 -10.85
C SER F 185 -44.38 -0.53 -11.75
N VAL F 186 -43.20 -0.38 -12.33
CA VAL F 186 -42.63 -1.41 -13.20
C VAL F 186 -42.32 -2.67 -12.40
N VAL F 187 -41.73 -2.52 -11.21
CA VAL F 187 -41.33 -3.68 -10.42
C VAL F 187 -42.53 -4.53 -10.02
N GLY F 188 -43.61 -3.87 -9.58
CA GLY F 188 -44.80 -4.61 -9.17
C GLY F 188 -45.35 -5.52 -10.25
N GLY F 189 -45.27 -5.09 -11.51
CA GLY F 189 -45.77 -5.89 -12.61
C GLY F 189 -44.87 -7.02 -13.07
N LEU F 190 -43.61 -7.05 -12.60
CA LEU F 190 -42.67 -8.07 -13.02
C LEU F 190 -42.38 -9.13 -11.96
N VAL F 191 -42.71 -8.86 -10.70
CA VAL F 191 -42.45 -9.81 -9.62
C VAL F 191 -43.76 -10.17 -8.94
N ASP F 192 -43.81 -11.38 -8.38
CA ASP F 192 -44.97 -11.88 -7.67
C ASP F 192 -44.65 -12.10 -6.20
N LYS F 193 -43.95 -11.14 -5.59
CA LYS F 193 -43.63 -11.14 -4.17
C LYS F 193 -44.03 -9.81 -3.58
N PRO F 194 -44.28 -9.75 -2.27
CA PRO F 194 -44.67 -8.48 -1.64
C PRO F 194 -43.64 -7.39 -1.91
N VAL F 195 -44.13 -6.23 -2.35
CA VAL F 195 -43.29 -5.06 -2.61
C VAL F 195 -43.70 -3.94 -1.68
N ILE F 196 -42.72 -3.39 -0.96
CA ILE F 196 -42.90 -2.20 -0.13
C ILE F 196 -42.09 -1.09 -0.78
N ALA F 197 -42.75 0.01 -1.13
CA ALA F 197 -42.15 1.08 -1.93
C ALA F 197 -41.80 2.29 -1.07
N VAL F 198 -40.60 2.81 -1.26
CA VAL F 198 -40.08 3.96 -0.52
C VAL F 198 -39.80 5.09 -1.50
N PRO F 199 -40.47 6.23 -1.39
CA PRO F 199 -40.09 7.40 -2.18
C PRO F 199 -38.98 8.19 -1.50
N THR F 200 -38.08 8.76 -2.31
CA THR F 200 -37.02 9.60 -1.78
C THR F 200 -37.22 11.05 -2.23
N SER F 201 -36.72 11.98 -1.41
CA SER F 201 -36.91 13.41 -1.65
C SER F 201 -35.71 14.10 -2.29
N VAL F 202 -34.81 13.36 -2.92
CA VAL F 202 -33.65 13.94 -3.59
C VAL F 202 -33.97 14.05 -5.07
N GLY F 203 -34.30 15.26 -5.52
CA GLY F 203 -34.79 15.50 -6.85
C GLY F 203 -34.61 16.96 -7.21
N TYR F 204 -34.96 17.30 -8.45
CA TYR F 204 -34.80 18.66 -8.94
C TYR F 204 -36.12 19.17 -9.50
N GLY F 205 -36.35 20.47 -9.34
CA GLY F 205 -37.52 21.12 -9.89
C GLY F 205 -38.81 20.58 -9.30
N THR F 206 -39.67 20.05 -10.16
CA THR F 206 -41.02 19.58 -9.82
C THR F 206 -41.02 18.28 -9.04
N SER F 207 -39.86 17.79 -8.57
CA SER F 207 -39.85 16.62 -7.69
C SER F 207 -40.69 16.82 -6.43
N PHE F 208 -40.92 18.07 -6.03
CA PHE F 208 -41.77 18.41 -4.89
C PHE F 208 -41.32 17.69 -3.62
N GLN F 209 -39.99 17.64 -3.44
CA GLN F 209 -39.37 17.04 -2.26
C GLN F 209 -39.85 15.60 -2.05
N GLY F 210 -40.05 14.87 -3.16
CA GLY F 210 -40.41 13.48 -3.10
C GLY F 210 -41.89 13.19 -3.12
N MET F 211 -42.75 14.21 -3.07
CA MET F 211 -44.20 13.98 -3.05
C MET F 211 -44.67 13.29 -4.31
N THR F 212 -44.21 13.76 -5.47
CA THR F 212 -44.63 13.17 -6.74
C THR F 212 -44.24 11.70 -6.82
N ALA F 213 -43.02 11.36 -6.39
CA ALA F 213 -42.59 9.97 -6.40
C ALA F 213 -43.47 9.12 -5.50
N LEU F 214 -43.88 9.64 -4.35
CA LEU F 214 -44.75 8.89 -3.45
C LEU F 214 -46.10 8.59 -4.11
N LEU F 215 -46.72 9.61 -4.70
CA LEU F 215 -48.02 9.41 -5.36
C LEU F 215 -47.90 8.47 -6.55
N THR F 216 -46.80 8.56 -7.31
CA THR F 216 -46.58 7.62 -8.40
C THR F 216 -46.61 6.19 -7.88
N MET F 217 -46.00 5.95 -6.72
CA MET F 217 -46.01 4.62 -6.14
C MET F 217 -47.41 4.26 -5.61
N LEU F 218 -48.13 5.25 -5.10
CA LEU F 218 -49.47 5.02 -4.58
C LEU F 218 -50.48 4.71 -5.67
N ASN F 219 -50.12 4.83 -6.95
CA ASN F 219 -50.99 4.46 -8.05
C ASN F 219 -50.45 3.27 -8.83
N SER F 220 -49.50 2.54 -8.25
CA SER F 220 -48.84 1.42 -8.92
C SER F 220 -49.72 0.18 -8.95
N SER F 223 -50.69 -3.85 -8.82
CA SER F 223 -51.31 -4.54 -7.69
C SER F 223 -50.28 -5.29 -6.86
N GLY F 224 -50.47 -5.28 -5.55
CA GLY F 224 -49.58 -5.95 -4.62
C GLY F 224 -48.43 -5.11 -4.13
N ILE F 225 -48.51 -3.79 -4.28
CA ILE F 225 -47.48 -2.87 -3.81
C ILE F 225 -48.02 -2.12 -2.61
N THR F 226 -47.15 -1.88 -1.62
CA THR F 226 -47.48 -1.07 -0.46
C THR F 226 -46.37 -0.04 -0.27
N VAL F 227 -46.73 1.09 0.33
CA VAL F 227 -45.86 2.26 0.33
C VAL F 227 -45.66 2.74 1.77
N VAL F 228 -44.49 3.30 2.03
CA VAL F 228 -44.15 3.95 3.29
C VAL F 228 -43.77 5.40 3.03
N ASN F 229 -43.40 6.12 4.10
CA ASN F 229 -43.12 7.55 4.02
C ASN F 229 -41.86 7.83 3.21
N ILE F 230 -41.69 9.10 2.86
CA ILE F 230 -40.55 9.53 2.05
C ILE F 230 -39.27 9.33 2.87
N ASP F 231 -38.28 8.72 2.24
CA ASP F 231 -36.95 8.46 2.80
C ASP F 231 -36.98 7.45 3.94
N ASN F 232 -38.14 6.87 4.27
CA ASN F 232 -38.28 6.04 5.47
C ASN F 232 -37.82 4.61 5.16
N GLY F 233 -36.50 4.49 4.91
CA GLY F 233 -35.91 3.19 4.67
C GLY F 233 -36.04 2.24 5.85
N PHE F 234 -36.04 2.79 7.07
CA PHE F 234 -36.24 1.97 8.25
C PHE F 234 -37.58 1.24 8.19
N GLY F 235 -38.66 1.98 7.95
CA GLY F 235 -39.99 1.38 7.98
C GLY F 235 -40.17 0.25 6.97
N ALA F 236 -39.67 0.45 5.75
CA ALA F 236 -39.73 -0.62 4.74
C ALA F 236 -38.93 -1.83 5.20
N ALA F 237 -37.69 -1.61 5.64
CA ALA F 237 -36.86 -2.72 6.09
C ALA F 237 -37.44 -3.38 7.33
N TYR F 238 -38.03 -2.57 8.21
CA TYR F 238 -38.72 -3.14 9.37
C TYR F 238 -39.92 -3.96 8.92
N SER F 239 -40.70 -3.43 7.98
CA SER F 239 -41.83 -4.18 7.44
C SER F 239 -41.38 -5.36 6.60
N ALA F 240 -40.37 -5.15 5.75
CA ALA F 240 -39.84 -6.25 4.94
C ALA F 240 -39.35 -7.39 5.83
N SER F 241 -38.67 -7.06 6.94
CA SER F 241 -38.16 -8.08 7.84
C SER F 241 -39.29 -8.92 8.43
N MET F 242 -40.38 -8.27 8.85
CA MET F 242 -41.51 -8.99 9.41
C MET F 242 -42.12 -9.97 8.40
N VAL F 243 -42.20 -9.55 7.14
CA VAL F 243 -42.80 -10.43 6.11
C VAL F 243 -41.87 -11.59 5.80
N ASN F 244 -40.56 -11.33 5.78
CA ASN F 244 -39.58 -12.36 5.41
C ASN F 244 -39.56 -13.51 6.42
N GLN F 245 -39.84 -13.22 7.69
CA GLN F 245 -39.65 -14.18 8.77
C GLN F 245 -40.97 -14.85 9.17
N MET F 246 -41.60 -15.47 8.17
CA MET F 246 -42.85 -16.20 8.40
C MET F 246 -42.59 -17.71 8.37
ZN ZN G . 29.41 38.20 1.18
MG MG H . 22.79 21.23 -4.01
ZN ZN I . 21.03 -23.91 8.33
MG MG J . 25.69 -15.66 -20.07
#